data_2JM0
#
_entry.id   2JM0
#
_entity_poly.entity_id   1
_entity_poly.type   'polypeptide(L)'
_entity_poly.pdbx_seq_one_letter_code
;LSDEDFRAV(PF5)GMTRSAFANLPLWRQQNLRRERGLF
;
_entity_poly.pdbx_strand_id   A
#
# COMPACT_ATOMS: atom_id res chain seq x y z
CA LEU A 1 -2.38 -5.64 -8.87
C LEU A 1 -1.13 -6.46 -8.57
N SER A 2 -0.05 -5.83 -8.22
CA SER A 2 1.19 -6.58 -7.92
C SER A 2 1.15 -7.08 -6.47
N ASP A 3 0.28 -8.00 -6.17
CA ASP A 3 0.20 -8.53 -4.78
C ASP A 3 1.58 -9.06 -4.38
N GLU A 4 2.34 -9.55 -5.33
CA GLU A 4 3.69 -10.08 -5.01
C GLU A 4 4.61 -8.90 -4.69
N ASP A 5 4.72 -7.96 -5.60
CA ASP A 5 5.60 -6.80 -5.36
C ASP A 5 4.98 -5.91 -4.27
N PHE A 6 3.70 -5.70 -4.33
CA PHE A 6 3.03 -4.86 -3.29
C PHE A 6 3.39 -5.37 -1.89
N ARG A 7 3.08 -6.60 -1.61
CA ARG A 7 3.36 -7.16 -0.26
C ARG A 7 4.83 -6.89 0.10
N ALA A 8 5.72 -6.95 -0.85
CA ALA A 8 7.16 -6.68 -0.55
C ALA A 8 7.37 -5.21 -0.20
N VAL A 9 6.56 -4.34 -0.74
CA VAL A 9 6.74 -2.88 -0.46
C VAL A 9 6.34 -2.54 0.97
N PF5 A 10 5.18 -2.95 1.41
CA PF5 A 10 4.75 -2.61 2.80
CB PF5 A 10 3.29 -2.15 2.76
CG PF5 A 10 3.18 -1.10 1.69
CD1 PF5 A 10 2.87 -1.48 0.37
FD1 PF5 A 10 2.59 -2.77 0.09
CD2 PF5 A 10 3.44 0.24 1.99
FD2 PF5 A 10 3.77 0.59 3.25
CE1 PF5 A 10 2.84 -0.51 -0.64
FE1 PF5 A 10 2.54 -0.87 -1.90
CE2 PF5 A 10 3.39 1.21 0.98
FE2 PF5 A 10 3.61 2.50 1.28
CZ PF5 A 10 3.10 0.83 -0.33
FZ PF5 A 10 3.07 1.76 -1.31
C PF5 A 10 4.91 -3.82 3.72
O PF5 A 10 4.85 -3.70 4.93
H PF5 A 10 4.59 -3.46 0.83
HA PF5 A 10 5.37 -1.80 3.17
HB2 PF5 A 10 3.01 -1.72 3.72
HB3 PF5 A 10 2.65 -2.99 2.53
N GLY A 11 5.13 -4.98 3.17
CA GLY A 11 5.30 -6.18 4.03
C GLY A 11 3.93 -6.73 4.44
N MET A 12 2.90 -6.37 3.74
CA MET A 12 1.54 -6.87 4.09
C MET A 12 0.68 -6.94 2.84
N THR A 13 -0.32 -7.78 2.83
CA THR A 13 -1.20 -7.90 1.64
C THR A 13 -2.06 -6.64 1.50
N ARG A 14 -2.51 -6.33 0.31
CA ARG A 14 -3.36 -5.13 0.12
C ARG A 14 -4.56 -5.19 1.05
N SER A 15 -5.00 -6.38 1.39
CA SER A 15 -6.18 -6.50 2.30
C SER A 15 -5.84 -5.88 3.64
N ALA A 16 -4.68 -6.16 4.17
CA ALA A 16 -4.29 -5.57 5.48
C ALA A 16 -3.94 -4.10 5.29
N PHE A 17 -3.24 -3.79 4.24
CA PHE A 17 -2.86 -2.36 3.99
C PHE A 17 -4.13 -1.53 3.88
N ALA A 18 -5.15 -2.05 3.26
CA ALA A 18 -6.42 -1.28 3.12
C ALA A 18 -6.94 -0.93 4.52
N ASN A 19 -6.45 -1.60 5.53
CA ASN A 19 -6.91 -1.32 6.92
C ASN A 19 -6.56 0.13 7.32
N LEU A 20 -5.47 0.65 6.81
CA LEU A 20 -5.07 2.04 7.16
C LEU A 20 -6.05 3.05 6.54
N PRO A 21 -6.23 4.19 7.16
CA PRO A 21 -7.15 5.24 6.64
C PRO A 21 -7.01 5.44 5.13
N LEU A 22 -8.12 5.56 4.45
CA LEU A 22 -8.08 5.75 2.97
C LEU A 22 -7.19 6.93 2.59
N TRP A 23 -7.35 8.05 3.24
CA TRP A 23 -6.51 9.23 2.90
C TRP A 23 -5.03 8.96 3.22
N ARG A 24 -4.76 8.24 4.28
CA ARG A 24 -3.35 7.94 4.64
C ARG A 24 -2.70 7.03 3.59
N GLN A 25 -3.37 5.97 3.20
CA GLN A 25 -2.77 5.05 2.19
C GLN A 25 -2.28 5.86 0.98
N GLN A 26 -3.04 6.80 0.51
CA GLN A 26 -2.57 7.63 -0.63
C GLN A 26 -1.32 8.39 -0.20
N ASN A 27 -1.28 8.79 1.04
CA ASN A 27 -0.09 9.52 1.56
C ASN A 27 1.13 8.59 1.54
N LEU A 28 0.99 7.42 2.12
CA LEU A 28 2.14 6.46 2.14
C LEU A 28 2.38 5.90 0.73
N ARG A 29 1.35 5.79 -0.07
CA ARG A 29 1.55 5.23 -1.44
C ARG A 29 2.15 6.29 -2.37
N ARG A 30 1.65 7.49 -2.36
CA ARG A 30 2.24 8.54 -3.25
C ARG A 30 3.68 8.81 -2.80
N GLU A 31 3.92 8.87 -1.52
CA GLU A 31 5.31 9.10 -1.03
C GLU A 31 6.20 7.95 -1.48
N ARG A 32 5.60 6.84 -1.83
CA ARG A 32 6.41 5.66 -2.26
C ARG A 32 6.62 5.69 -3.78
N GLY A 33 6.01 6.59 -4.47
CA GLY A 33 6.20 6.65 -5.96
C GLY A 33 5.09 5.87 -6.65
N LEU A 34 4.16 5.34 -5.90
CA LEU A 34 3.04 4.58 -6.53
C LEU A 34 1.73 5.38 -6.42
N PHE A 35 0.76 5.05 -7.22
CA PHE A 35 -0.53 5.79 -7.16
C PHE A 35 -0.26 7.30 -7.27
CA LEU A 1 -2.06 -4.35 -9.46
C LEU A 1 -0.70 -5.05 -9.32
N SER A 2 -0.15 -5.06 -8.14
CA SER A 2 1.17 -5.73 -7.94
C SER A 2 1.24 -6.32 -6.53
N ASP A 3 0.48 -7.34 -6.26
CA ASP A 3 0.51 -7.97 -4.91
C ASP A 3 1.94 -8.44 -4.62
N GLU A 4 2.64 -8.89 -5.64
CA GLU A 4 4.04 -9.36 -5.43
C GLU A 4 4.91 -8.15 -5.05
N ASP A 5 4.80 -7.09 -5.80
CA ASP A 5 5.61 -5.88 -5.49
C ASP A 5 5.00 -5.16 -4.27
N PHE A 6 3.72 -4.89 -4.32
CA PHE A 6 3.06 -4.20 -3.17
C PHE A 6 3.37 -4.95 -1.88
N ARG A 7 3.01 -6.20 -1.80
CA ARG A 7 3.26 -6.97 -0.55
C ARG A 7 4.72 -6.83 -0.13
N ALA A 8 5.62 -6.78 -1.07
CA ALA A 8 7.07 -6.63 -0.73
C ALA A 8 7.34 -5.24 -0.16
N VAL A 9 6.57 -4.26 -0.53
CA VAL A 9 6.80 -2.88 -0.03
C VAL A 9 6.47 -2.77 1.47
N PF5 A 10 5.33 -3.25 1.88
CA PF5 A 10 4.97 -3.15 3.32
CB PF5 A 10 3.51 -2.68 3.42
CG PF5 A 10 3.37 -1.46 2.55
CD1 PF5 A 10 3.02 -1.61 1.20
FD1 PF5 A 10 2.74 -2.82 0.71
CD2 PF5 A 10 3.66 -0.19 3.08
FD2 PF5 A 10 3.99 -0.06 4.37
CE1 PF5 A 10 2.97 -0.48 0.38
FE1 PF5 A 10 2.64 -0.61 -0.92
CE2 PF5 A 10 3.57 0.93 2.26
FE2 PF5 A 10 3.83 2.16 2.77
CZ PF5 A 10 3.24 0.79 0.90
FZ PF5 A 10 3.20 1.88 0.11
C PF5 A 10 5.15 -4.50 4.03
O PF5 A 10 5.35 -4.55 5.23
H PF5 A 10 4.71 -3.67 1.24
HA PF5 A 10 5.60 -2.41 3.79
HB2 PF5 A 10 3.28 -2.43 4.45
HB3 PF5 A 10 2.85 -3.46 3.09
N GLY A 11 5.10 -5.57 3.29
CA GLY A 11 5.28 -6.91 3.93
C GLY A 11 3.92 -7.51 4.26
N MET A 12 2.86 -6.94 3.74
CA MET A 12 1.51 -7.50 4.02
C MET A 12 0.63 -7.33 2.78
N THR A 13 -0.48 -8.03 2.73
CA THR A 13 -1.37 -7.93 1.54
C THR A 13 -2.16 -6.62 1.60
N ARG A 14 -2.62 -6.14 0.48
CA ARG A 14 -3.40 -4.87 0.48
C ARG A 14 -4.58 -5.00 1.45
N SER A 15 -5.07 -6.19 1.66
CA SER A 15 -6.23 -6.37 2.58
C SER A 15 -5.87 -5.77 3.95
N ALA A 16 -4.70 -6.06 4.44
CA ALA A 16 -4.29 -5.51 5.77
C ALA A 16 -3.94 -4.03 5.60
N PHE A 17 -3.17 -3.71 4.60
CA PHE A 17 -2.79 -2.29 4.38
C PHE A 17 -4.06 -1.43 4.25
N ALA A 18 -5.08 -1.98 3.64
CA ALA A 18 -6.35 -1.20 3.49
C ALA A 18 -6.83 -0.77 4.87
N ASN A 19 -6.34 -1.39 5.91
CA ASN A 19 -6.77 -1.01 7.29
C ASN A 19 -6.48 0.47 7.55
N LEU A 20 -5.39 0.98 7.03
CA LEU A 20 -5.04 2.41 7.25
C LEU A 20 -6.09 3.31 6.59
N PRO A 21 -6.30 4.49 7.10
CA PRO A 21 -7.29 5.46 6.54
C PRO A 21 -7.25 5.50 5.00
N LEU A 22 -8.38 5.63 4.38
CA LEU A 22 -8.44 5.64 2.89
C LEU A 22 -7.56 6.76 2.32
N TRP A 23 -7.54 7.89 2.95
CA TRP A 23 -6.72 9.03 2.42
C TRP A 23 -5.24 8.82 2.77
N ARG A 24 -4.95 8.18 3.86
CA ARG A 24 -3.53 7.98 4.26
C ARG A 24 -2.83 6.99 3.32
N GLN A 25 -3.44 5.87 3.04
CA GLN A 25 -2.79 4.87 2.15
C GLN A 25 -2.27 5.56 0.88
N GLN A 26 -3.05 6.46 0.31
CA GLN A 26 -2.56 7.18 -0.91
C GLN A 26 -1.36 8.04 -0.50
N ASN A 27 -1.38 8.57 0.68
CA ASN A 27 -0.24 9.42 1.16
C ASN A 27 1.02 8.54 1.27
N LEU A 28 0.94 7.45 1.97
CA LEU A 28 2.13 6.56 2.12
C LEU A 28 2.45 5.88 0.78
N ARG A 29 1.46 5.61 -0.02
CA ARG A 29 1.73 4.94 -1.33
C ARG A 29 2.30 5.93 -2.34
N ARG A 30 1.78 7.13 -2.39
CA ARG A 30 2.33 8.12 -3.36
C ARG A 30 3.75 8.51 -2.94
N GLU A 31 4.00 8.56 -1.67
CA GLU A 31 5.38 8.92 -1.19
C GLU A 31 6.36 7.87 -1.71
N ARG A 32 5.89 6.70 -2.03
CA ARG A 32 6.79 5.63 -2.53
C ARG A 32 6.64 5.44 -4.03
N GLY A 33 5.78 6.20 -4.67
CA GLY A 33 5.61 6.05 -6.14
C GLY A 33 4.88 4.74 -6.46
N LEU A 34 3.70 4.57 -5.95
CA LEU A 34 2.94 3.33 -6.24
C LEU A 34 1.49 3.68 -6.62
N PHE A 35 1.01 4.80 -6.19
CA PHE A 35 -0.38 5.20 -6.53
C PHE A 35 -0.52 6.72 -6.42
CA LEU A 1 -2.00 -4.71 -9.10
C LEU A 1 -0.85 -5.63 -8.69
N SER A 2 0.34 -5.12 -8.66
CA SER A 2 1.51 -5.96 -8.27
C SER A 2 1.31 -6.45 -6.83
N ASP A 3 0.43 -7.40 -6.64
CA ASP A 3 0.21 -7.94 -5.26
C ASP A 3 1.52 -8.56 -4.76
N GLU A 4 2.28 -9.14 -5.65
CA GLU A 4 3.57 -9.75 -5.23
C GLU A 4 4.54 -8.64 -4.82
N ASP A 5 4.73 -7.66 -5.67
CA ASP A 5 5.65 -6.56 -5.34
C ASP A 5 5.04 -5.72 -4.21
N PHE A 6 3.76 -5.47 -4.25
CA PHE A 6 3.11 -4.67 -3.19
C PHE A 6 3.44 -5.27 -1.82
N ARG A 7 3.09 -6.51 -1.60
CA ARG A 7 3.37 -7.14 -0.28
C ARG A 7 4.83 -6.93 0.11
N ALA A 8 5.72 -6.95 -0.85
CA ALA A 8 7.16 -6.75 -0.53
C ALA A 8 7.42 -5.29 -0.11
N VAL A 9 6.62 -4.37 -0.59
CA VAL A 9 6.84 -2.95 -0.24
C VAL A 9 6.41 -2.66 1.21
N PF5 A 10 5.22 -3.04 1.59
CA PF5 A 10 4.78 -2.76 2.99
CB PF5 A 10 3.32 -2.26 2.93
CG PF5 A 10 3.26 -1.16 1.92
CD1 PF5 A 10 2.97 -1.45 0.58
FD1 PF5 A 10 2.68 -2.72 0.21
CD2 PF5 A 10 3.55 0.16 2.30
FD2 PF5 A 10 3.85 0.45 3.58
CE1 PF5 A 10 2.99 -0.43 -0.38
FE1 PF5 A 10 2.73 -0.72 -1.67
CE2 PF5 A 10 3.54 1.18 1.34
FE2 PF5 A 10 3.78 2.45 1.71
CZ PF5 A 10 3.27 0.88 0.00
FZ PF5 A 10 3.30 1.85 -0.93
C PF5 A 10 4.88 -4.00 3.85
O PF5 A 10 4.80 -3.94 5.07
H PF5 A 10 4.63 -3.50 0.97
HA PF5 A 10 5.39 -1.98 3.41
HB2 PF5 A 10 3.03 -1.88 3.90
HB3 PF5 A 10 2.68 -3.08 2.65
N GLY A 11 5.09 -5.14 3.26
CA GLY A 11 5.22 -6.39 4.07
C GLY A 11 3.82 -6.93 4.39
N MET A 12 2.82 -6.48 3.70
CA MET A 12 1.44 -6.98 3.99
C MET A 12 0.61 -6.92 2.70
N THR A 13 -0.41 -7.73 2.61
CA THR A 13 -1.25 -7.73 1.37
C THR A 13 -2.10 -6.46 1.34
N ARG A 14 -2.53 -6.05 0.17
CA ARG A 14 -3.37 -4.83 0.07
C ARG A 14 -4.58 -4.96 1.00
N SER A 15 -5.02 -6.17 1.26
CA SER A 15 -6.22 -6.34 2.15
C SER A 15 -5.88 -5.80 3.54
N ALA A 16 -4.73 -6.16 4.05
CA ALA A 16 -4.34 -5.67 5.41
C ALA A 16 -3.93 -4.21 5.31
N PHE A 17 -3.15 -3.87 4.32
CA PHE A 17 -2.70 -2.45 4.17
C PHE A 17 -3.94 -1.55 4.08
N ALA A 18 -5.00 -2.03 3.51
CA ALA A 18 -6.24 -1.21 3.39
C ALA A 18 -6.73 -0.83 4.79
N ASN A 19 -6.09 -1.35 5.81
CA ASN A 19 -6.52 -1.04 7.20
C ASN A 19 -6.23 0.43 7.52
N LEU A 20 -5.20 0.99 6.94
CA LEU A 20 -4.87 2.42 7.21
C LEU A 20 -5.97 3.33 6.66
N PRO A 21 -6.17 4.48 7.26
CA PRO A 21 -7.20 5.46 6.81
C PRO A 21 -7.23 5.59 5.28
N LEU A 22 -8.41 5.77 4.73
CA LEU A 22 -8.54 5.87 3.25
C LEU A 22 -7.65 6.99 2.69
N TRP A 23 -7.57 8.10 3.38
CA TRP A 23 -6.73 9.24 2.88
C TRP A 23 -5.25 8.98 3.16
N ARG A 24 -4.94 8.29 4.22
CA ARG A 24 -3.51 8.06 4.57
C ARG A 24 -2.87 7.08 3.59
N GLN A 25 -3.52 5.99 3.29
CA GLN A 25 -2.91 5.00 2.35
C GLN A 25 -2.42 5.71 1.09
N GLN A 26 -3.15 6.67 0.61
CA GLN A 26 -2.67 7.42 -0.59
C GLN A 26 -1.42 8.22 -0.20
N ASN A 27 -1.40 8.74 1.00
CA ASN A 27 -0.22 9.52 1.47
C ASN A 27 1.01 8.61 1.48
N LEU A 28 0.92 7.48 2.12
CA LEU A 28 2.08 6.54 2.18
C LEU A 28 2.34 5.94 0.79
N ARG A 29 1.32 5.75 0.01
CA ARG A 29 1.52 5.15 -1.35
C ARG A 29 2.04 6.21 -2.32
N ARG A 30 1.49 7.39 -2.32
CA ARG A 30 1.98 8.44 -3.26
C ARG A 30 3.44 8.75 -2.93
N GLU A 31 3.76 8.88 -1.67
CA GLU A 31 5.18 9.15 -1.29
C GLU A 31 6.04 7.96 -1.69
N ARG A 32 5.42 6.83 -1.94
CA ARG A 32 6.21 5.62 -2.32
C ARG A 32 6.52 5.64 -3.82
N GLY A 33 5.75 6.33 -4.61
CA GLY A 33 6.02 6.37 -6.08
C GLY A 33 5.20 5.29 -6.78
N LEU A 34 4.44 4.53 -6.05
CA LEU A 34 3.61 3.46 -6.70
C LEU A 34 2.21 4.00 -7.00
N PHE A 35 1.39 4.13 -6.00
CA PHE A 35 0.01 4.64 -6.23
C PHE A 35 -0.54 4.07 -7.54
CA LEU A 1 -1.78 -4.08 -9.71
C LEU A 1 -0.48 -4.87 -9.54
N SER A 2 0.07 -4.86 -8.37
CA SER A 2 1.34 -5.60 -8.13
C SER A 2 1.33 -6.21 -6.73
N ASP A 3 0.53 -7.22 -6.51
CA ASP A 3 0.49 -7.84 -5.16
C ASP A 3 1.89 -8.38 -4.82
N GLU A 4 2.62 -8.80 -5.81
CA GLU A 4 4.00 -9.32 -5.55
C GLU A 4 4.88 -8.16 -5.10
N ASP A 5 4.87 -7.08 -5.83
CA ASP A 5 5.71 -5.90 -5.45
C ASP A 5 5.08 -5.20 -4.26
N PHE A 6 3.80 -4.95 -4.32
CA PHE A 6 3.11 -4.26 -3.19
C PHE A 6 3.40 -4.99 -1.89
N ARG A 7 3.04 -6.24 -1.79
CA ARG A 7 3.28 -7.00 -0.53
C ARG A 7 4.74 -6.84 -0.10
N ALA A 8 5.65 -6.80 -1.03
CA ALA A 8 7.09 -6.64 -0.67
C ALA A 8 7.35 -5.25 -0.10
N VAL A 9 6.57 -4.28 -0.49
CA VAL A 9 6.78 -2.89 0.02
C VAL A 9 6.41 -2.78 1.50
N PF5 A 10 5.26 -3.26 1.88
CA PF5 A 10 4.85 -3.15 3.32
CB PF5 A 10 3.40 -2.70 3.38
CG PF5 A 10 3.28 -1.48 2.50
CD1 PF5 A 10 2.95 -1.64 1.14
FD1 PF5 A 10 2.69 -2.86 0.64
CD2 PF5 A 10 3.54 -0.21 3.01
FD2 PF5 A 10 3.85 -0.07 4.32
CE1 PF5 A 10 2.90 -0.51 0.31
FE1 PF5 A 10 2.61 -0.66 -1.00
CE2 PF5 A 10 3.47 0.92 2.19
FE2 PF5 A 10 3.70 2.14 2.69
CZ PF5 A 10 3.17 0.77 0.83
FZ PF5 A 10 3.14 1.84 0.02
C PF5 A 10 5.03 -4.49 4.04
O PF5 A 10 5.11 -4.55 5.25
H PF5 A 10 4.66 -3.69 1.24
HA PF5 A 10 5.47 -2.41 3.81
HB2 PF5 A 10 3.14 -2.44 4.39
HB3 PF5 A 10 2.75 -3.49 3.03
N GLY A 11 5.10 -5.57 3.30
CA GLY A 11 5.26 -6.89 3.96
C GLY A 11 3.89 -7.50 4.27
N MET A 12 2.85 -6.94 3.71
CA MET A 12 1.49 -7.49 3.99
C MET A 12 0.62 -7.33 2.74
N THR A 13 -0.48 -8.04 2.67
CA THR A 13 -1.37 -7.93 1.48
C THR A 13 -2.17 -6.63 1.55
N ARG A 14 -2.66 -6.16 0.44
CA ARG A 14 -3.46 -4.90 0.46
C ARG A 14 -4.61 -5.04 1.46
N SER A 15 -5.07 -6.25 1.69
CA SER A 15 -6.20 -6.42 2.65
C SER A 15 -5.83 -5.80 3.99
N ALA A 16 -4.65 -6.08 4.47
CA ALA A 16 -4.23 -5.50 5.78
C ALA A 16 -3.89 -4.03 5.59
N PHE A 17 -3.14 -3.71 4.56
CA PHE A 17 -2.77 -2.29 4.32
C PHE A 17 -4.04 -1.45 4.20
N ALA A 18 -5.06 -1.99 3.58
CA ALA A 18 -6.33 -1.23 3.43
C ALA A 18 -6.83 -0.80 4.82
N ASN A 19 -6.26 -1.35 5.85
CA ASN A 19 -6.70 -0.99 7.23
C ASN A 19 -6.42 0.49 7.51
N LEU A 20 -5.39 1.03 6.91
CA LEU A 20 -5.06 2.47 7.14
C LEU A 20 -6.08 3.38 6.45
N PRO A 21 -6.29 4.56 6.96
CA PRO A 21 -7.26 5.53 6.37
C PRO A 21 -7.15 5.61 4.84
N LEU A 22 -8.26 5.59 4.16
CA LEU A 22 -8.24 5.63 2.67
C LEU A 22 -7.35 6.77 2.17
N TRP A 23 -7.48 7.94 2.73
CA TRP A 23 -6.66 9.10 2.25
C TRP A 23 -5.19 8.90 2.64
N ARG A 24 -4.94 8.41 3.82
CA ARG A 24 -3.52 8.21 4.26
C ARG A 24 -2.80 7.22 3.33
N GLN A 25 -3.46 6.16 2.95
CA GLN A 25 -2.79 5.16 2.06
C GLN A 25 -2.17 5.87 0.86
N GLN A 26 -2.86 6.81 0.27
CA GLN A 26 -2.28 7.54 -0.89
C GLN A 26 -1.03 8.30 -0.41
N ASN A 27 -1.10 8.84 0.78
CA ASN A 27 0.08 9.58 1.33
C ASN A 27 1.27 8.63 1.44
N LEU A 28 1.08 7.49 2.06
CA LEU A 28 2.19 6.51 2.21
C LEU A 28 2.48 5.84 0.86
N ARG A 29 1.49 5.66 0.03
CA ARG A 29 1.73 5.00 -1.29
C ARG A 29 2.33 5.98 -2.28
N ARG A 30 1.79 7.16 -2.39
CA ARG A 30 2.38 8.15 -3.34
C ARG A 30 3.80 8.49 -2.90
N GLU A 31 4.04 8.55 -1.62
CA GLU A 31 5.41 8.85 -1.13
C GLU A 31 6.38 7.80 -1.66
N ARG A 32 5.89 6.63 -1.98
CA ARG A 32 6.78 5.55 -2.49
C ARG A 32 6.56 5.33 -3.99
N GLY A 33 5.81 6.18 -4.63
CA GLY A 33 5.58 6.01 -6.10
C GLY A 33 4.53 4.93 -6.34
N LEU A 34 3.64 4.71 -5.40
CA LEU A 34 2.58 3.68 -5.59
C LEU A 34 1.21 4.31 -5.43
N PHE A 35 0.21 3.71 -6.02
CA PHE A 35 -1.16 4.29 -5.91
C PHE A 35 -2.18 3.31 -6.50
CA LEU A 1 -2.71 -5.16 -8.41
C LEU A 1 -1.39 -5.92 -8.27
N SER A 2 -0.31 -5.23 -8.02
CA SER A 2 1.00 -5.92 -7.87
C SER A 2 1.11 -6.50 -6.46
N ASP A 3 0.31 -7.47 -6.13
CA ASP A 3 0.40 -8.08 -4.78
C ASP A 3 1.82 -8.58 -4.54
N GLU A 4 2.48 -9.02 -5.58
CA GLU A 4 3.88 -9.50 -5.42
C GLU A 4 4.78 -8.32 -5.05
N ASP A 5 4.74 -7.27 -5.84
CA ASP A 5 5.59 -6.08 -5.54
C ASP A 5 4.98 -5.32 -4.35
N PHE A 6 3.71 -5.08 -4.39
CA PHE A 6 3.05 -4.35 -3.26
C PHE A 6 3.40 -5.03 -1.94
N ARG A 7 3.04 -6.27 -1.79
CA ARG A 7 3.33 -6.98 -0.51
C ARG A 7 4.81 -6.80 -0.13
N ALA A 8 5.68 -6.78 -1.09
CA ALA A 8 7.13 -6.60 -0.78
C ALA A 8 7.39 -5.20 -0.23
N VAL A 9 6.60 -4.24 -0.63
CA VAL A 9 6.82 -2.84 -0.14
C VAL A 9 6.47 -2.70 1.34
N PF5 A 10 5.35 -3.22 1.76
CA PF5 A 10 4.97 -3.09 3.20
CB PF5 A 10 3.52 -2.64 3.28
CG PF5 A 10 3.36 -1.46 2.37
CD1 PF5 A 10 3.01 -1.65 1.03
FD1 PF5 A 10 2.76 -2.89 0.57
CD2 PF5 A 10 3.61 -0.16 2.85
FD2 PF5 A 10 3.97 0.02 4.13
CE1 PF5 A 10 2.92 -0.54 0.16
FE1 PF5 A 10 2.59 -0.74 -1.13
CE2 PF5 A 10 3.50 0.94 1.99
FE2 PF5 A 10 3.72 2.19 2.46
CZ PF5 A 10 3.17 0.74 0.64
FZ PF5 A 10 3.09 1.80 -0.19
C PF5 A 10 5.16 -4.42 3.93
O PF5 A 10 5.28 -4.47 5.14
H PF5 A 10 4.75 -3.68 1.14
HA PF5 A 10 5.60 -2.35 3.66
HB2 PF5 A 10 3.28 -2.34 4.29
HB3 PF5 A 10 2.86 -3.44 2.97
N GLY A 11 5.19 -5.51 3.22
CA GLY A 11 5.37 -6.83 3.87
C GLY A 11 4.01 -7.41 4.26
N MET A 12 2.96 -6.88 3.70
CA MET A 12 1.60 -7.41 4.04
C MET A 12 0.71 -7.34 2.81
N THR A 13 -0.38 -8.06 2.81
CA THR A 13 -1.29 -8.04 1.62
C THR A 13 -2.09 -6.73 1.61
N ARG A 14 -2.54 -6.32 0.47
CA ARG A 14 -3.33 -5.05 0.39
C ARG A 14 -4.52 -5.14 1.35
N SER A 15 -5.00 -6.33 1.63
CA SER A 15 -6.17 -6.46 2.54
C SER A 15 -5.82 -5.83 3.89
N ALA A 16 -4.64 -6.11 4.39
CA ALA A 16 -4.23 -5.53 5.69
C ALA A 16 -3.90 -4.06 5.50
N PHE A 17 -3.14 -3.73 4.49
CA PHE A 17 -2.78 -2.30 4.25
C PHE A 17 -4.05 -1.48 4.07
N ALA A 18 -5.05 -2.04 3.45
CA ALA A 18 -6.32 -1.29 3.25
C ALA A 18 -6.87 -0.86 4.61
N ASN A 19 -6.41 -1.48 5.67
CA ASN A 19 -6.90 -1.12 7.04
C ASN A 19 -6.60 0.36 7.33
N LEU A 20 -5.50 0.87 6.84
CA LEU A 20 -5.14 2.30 7.10
C LEU A 20 -6.17 3.22 6.41
N PRO A 21 -6.38 4.39 6.96
CA PRO A 21 -7.33 5.39 6.38
C PRO A 21 -7.19 5.50 4.86
N LEU A 22 -8.29 5.63 4.17
CA LEU A 22 -8.25 5.72 2.69
C LEU A 22 -7.37 6.90 2.22
N TRP A 23 -7.44 8.01 2.92
CA TRP A 23 -6.61 9.19 2.52
C TRP A 23 -5.14 8.95 2.88
N ARG A 24 -4.88 8.20 3.90
CA ARG A 24 -3.46 7.95 4.31
C ARG A 24 -2.77 7.00 3.33
N GLN A 25 -3.38 5.89 3.01
CA GLN A 25 -2.73 4.93 2.07
C GLN A 25 -2.22 5.68 0.84
N GLN A 26 -3.02 6.57 0.28
CA GLN A 26 -2.53 7.35 -0.90
C GLN A 26 -1.33 8.19 -0.47
N ASN A 27 -1.34 8.67 0.75
CA ASN A 27 -0.19 9.47 1.25
C ASN A 27 1.06 8.59 1.33
N LEU A 28 0.95 7.46 1.99
CA LEU A 28 2.12 6.56 2.11
C LEU A 28 2.45 5.91 0.75
N ARG A 29 1.45 5.67 -0.06
CA ARG A 29 1.71 5.02 -1.37
C ARG A 29 2.35 6.02 -2.35
N ARG A 30 1.85 7.23 -2.41
CA ARG A 30 2.46 8.23 -3.33
C ARG A 30 3.85 8.61 -2.81
N GLU A 31 4.01 8.61 -1.51
CA GLU A 31 5.35 8.95 -0.93
C GLU A 31 6.39 7.95 -1.44
N ARG A 32 5.95 6.79 -1.84
CA ARG A 32 6.91 5.75 -2.32
C ARG A 32 6.82 5.60 -3.85
N GLY A 33 6.03 6.42 -4.49
CA GLY A 33 5.92 6.32 -5.98
C GLY A 33 4.87 5.28 -6.36
N LEU A 34 3.86 5.12 -5.55
CA LEU A 34 2.79 4.13 -5.88
C LEU A 34 1.43 4.81 -5.88
N PHE A 35 0.57 4.47 -6.79
CA PHE A 35 -0.77 5.11 -6.84
C PHE A 35 -0.62 6.63 -6.84
CA LEU A 1 -2.43 -6.73 -8.96
C LEU A 1 -1.07 -7.27 -8.53
N SER A 2 -0.06 -6.43 -8.51
CA SER A 2 1.29 -6.90 -8.10
C SER A 2 1.28 -7.24 -6.61
N ASP A 3 0.42 -8.12 -6.19
CA ASP A 3 0.37 -8.50 -4.75
C ASP A 3 1.75 -8.98 -4.32
N GLU A 4 2.46 -9.62 -5.21
CA GLU A 4 3.82 -10.12 -4.87
C GLU A 4 4.74 -8.91 -4.66
N ASP A 5 4.79 -8.02 -5.61
CA ASP A 5 5.67 -6.81 -5.46
C ASP A 5 5.13 -5.93 -4.34
N PHE A 6 3.83 -5.74 -4.30
CA PHE A 6 3.22 -4.89 -3.24
C PHE A 6 3.67 -5.40 -1.86
N ARG A 7 3.36 -6.63 -1.54
CA ARG A 7 3.73 -7.18 -0.21
C ARG A 7 5.21 -6.91 0.08
N ALA A 8 6.03 -6.93 -0.93
CA ALA A 8 7.49 -6.68 -0.72
C ALA A 8 7.72 -5.21 -0.36
N VAL A 9 6.86 -4.33 -0.80
CA VAL A 9 7.06 -2.88 -0.51
C VAL A 9 6.59 -2.53 0.91
N PF5 A 10 5.40 -2.92 1.28
CA PF5 A 10 4.90 -2.57 2.65
CB PF5 A 10 3.44 -2.13 2.53
CG PF5 A 10 3.37 -1.06 1.46
CD1 PF5 A 10 3.14 -1.43 0.12
FD1 PF5 A 10 2.94 -2.73 -0.20
CD2 PF5 A 10 3.58 0.28 1.79
FD2 PF5 A 10 3.78 0.62 3.08
CE1 PF5 A 10 3.16 -0.46 -0.88
FE1 PF5 A 10 2.96 -0.82 -2.16
CE2 PF5 A 10 3.55 1.25 0.79
FE2 PF5 A 10 3.71 2.55 1.12
CZ PF5 A 10 3.36 0.89 -0.54
FZ PF5 A 10 3.37 1.82 -1.51
C PF5 A 10 5.02 -3.76 3.59
O PF5 A 10 4.85 -3.63 4.78
H PF5 A 10 4.83 -3.43 0.67
HA PF5 A 10 5.48 -1.74 3.03
HB2 PF5 A 10 3.10 -1.71 3.47
HB3 PF5 A 10 2.82 -2.97 2.26
N GLY A 11 5.34 -4.91 3.08
CA GLY A 11 5.48 -6.10 3.96
C GLY A 11 4.09 -6.58 4.40
N MET A 12 3.07 -6.23 3.67
CA MET A 12 1.70 -6.66 4.05
C MET A 12 0.84 -6.80 2.78
N THR A 13 -0.25 -7.51 2.87
CA THR A 13 -1.12 -7.69 1.67
C THR A 13 -1.97 -6.43 1.47
N ARG A 14 -2.34 -6.15 0.25
CA ARG A 14 -3.18 -4.94 -0.02
C ARG A 14 -4.50 -5.06 0.74
N SER A 15 -4.95 -6.26 0.98
CA SER A 15 -6.25 -6.42 1.70
C SER A 15 -6.16 -5.74 3.07
N ALA A 16 -5.13 -6.07 3.82
CA ALA A 16 -4.98 -5.45 5.16
C ALA A 16 -4.55 -3.99 5.00
N PHE A 17 -3.82 -3.70 3.96
CA PHE A 17 -3.36 -2.29 3.74
C PHE A 17 -4.59 -1.37 3.69
N ALA A 18 -5.68 -1.86 3.18
CA ALA A 18 -6.90 -1.00 3.11
C ALA A 18 -7.37 -0.67 4.52
N ASN A 19 -6.86 -1.37 5.50
CA ASN A 19 -7.27 -1.10 6.91
C ASN A 19 -6.83 0.31 7.33
N LEU A 20 -5.70 0.77 6.85
CA LEU A 20 -5.23 2.12 7.23
C LEU A 20 -6.16 3.19 6.67
N PRO A 21 -6.25 4.33 7.32
CA PRO A 21 -7.13 5.44 6.87
C PRO A 21 -7.05 5.67 5.35
N LEU A 22 -8.17 5.84 4.71
CA LEU A 22 -8.18 6.04 3.23
C LEU A 22 -7.21 7.14 2.82
N TRP A 23 -7.21 8.24 3.52
CA TRP A 23 -6.28 9.36 3.15
C TRP A 23 -4.82 8.96 3.43
N ARG A 24 -4.58 8.29 4.52
CA ARG A 24 -3.17 7.90 4.86
C ARG A 24 -2.60 6.95 3.79
N GLN A 25 -3.37 5.99 3.35
CA GLN A 25 -2.85 5.04 2.33
C GLN A 25 -2.25 5.82 1.15
N GLN A 26 -2.90 6.88 0.72
CA GLN A 26 -2.33 7.69 -0.39
C GLN A 26 -1.04 8.34 0.09
N ASN A 27 -1.02 8.75 1.33
CA ASN A 27 0.21 9.39 1.89
C ASN A 27 1.37 8.40 1.84
N LEU A 28 1.17 7.21 2.36
CA LEU A 28 2.26 6.19 2.33
C LEU A 28 2.50 5.71 0.89
N ARG A 29 1.47 5.66 0.09
CA ARG A 29 1.64 5.17 -1.31
C ARG A 29 2.13 6.31 -2.21
N ARG A 30 1.55 7.47 -2.12
CA ARG A 30 2.01 8.59 -2.99
C ARG A 30 3.48 8.88 -2.68
N GLU A 31 3.85 8.92 -1.44
CA GLU A 31 5.27 9.17 -1.08
C GLU A 31 6.14 8.02 -1.61
N ARG A 32 5.51 6.94 -1.97
CA ARG A 32 6.28 5.76 -2.48
C ARG A 32 6.43 5.83 -4.00
N GLY A 33 5.71 6.70 -4.66
CA GLY A 33 5.83 6.80 -6.13
C GLY A 33 4.78 5.90 -6.81
N LEU A 34 3.99 5.21 -6.02
CA LEU A 34 2.95 4.32 -6.63
C LEU A 34 1.57 4.96 -6.45
N PHE A 35 0.61 4.50 -7.21
CA PHE A 35 -0.76 5.09 -7.09
C PHE A 35 -0.69 6.61 -7.25
CA LEU A 1 -2.32 -5.34 -8.94
C LEU A 1 -1.07 -6.14 -8.59
N SER A 2 0.05 -5.48 -8.43
CA SER A 2 1.29 -6.21 -8.09
C SER A 2 1.21 -6.74 -6.65
N ASP A 3 0.29 -7.61 -6.38
CA ASP A 3 0.17 -8.16 -5.00
C ASP A 3 1.52 -8.75 -4.58
N GLU A 4 2.24 -9.29 -5.51
CA GLU A 4 3.57 -9.88 -5.18
C GLU A 4 4.53 -8.75 -4.81
N ASP A 5 4.69 -7.80 -5.69
CA ASP A 5 5.61 -6.66 -5.40
C ASP A 5 5.01 -5.80 -4.28
N PHE A 6 3.74 -5.54 -4.34
CA PHE A 6 3.09 -4.72 -3.29
C PHE A 6 3.43 -5.29 -1.91
N ARG A 7 3.09 -6.52 -1.66
CA ARG A 7 3.38 -7.13 -0.32
C ARG A 7 4.84 -6.89 0.05
N ALA A 8 5.72 -6.93 -0.90
CA ALA A 8 7.17 -6.71 -0.59
C ALA A 8 7.40 -5.24 -0.21
N VAL A 9 6.62 -4.34 -0.72
CA VAL A 9 6.82 -2.89 -0.39
C VAL A 9 6.39 -2.59 1.05
N PF5 A 10 5.21 -2.98 1.45
CA PF5 A 10 4.76 -2.67 2.83
CB PF5 A 10 3.31 -2.20 2.76
CG PF5 A 10 3.23 -1.11 1.73
CD1 PF5 A 10 2.95 -1.43 0.40
FD1 PF5 A 10 2.67 -2.70 0.05
CD2 PF5 A 10 3.50 0.21 2.10
FD2 PF5 A 10 3.78 0.52 3.38
CE1 PF5 A 10 2.97 -0.43 -0.57
FE1 PF5 A 10 2.72 -0.74 -1.87
CE2 PF5 A 10 3.49 1.23 1.13
FE2 PF5 A 10 3.72 2.50 1.48
CZ PF5 A 10 3.24 0.89 -0.21
FZ PF5 A 10 3.27 1.87 -1.15
C PF5 A 10 4.89 -3.91 3.73
O PF5 A 10 4.75 -3.82 4.94
H PF5 A 10 4.62 -3.48 0.83
HA PF5 A 10 5.37 -1.88 3.23
HB2 PF5 A 10 3.01 -1.82 3.73
HB3 PF5 A 10 2.67 -3.02 2.49
N GLY A 11 5.15 -5.05 3.15
CA GLY A 11 5.29 -6.28 3.99
C GLY A 11 3.91 -6.80 4.37
N MET A 12 2.89 -6.38 3.68
CA MET A 12 1.51 -6.87 4.02
C MET A 12 0.66 -6.88 2.75
N THR A 13 -0.36 -7.69 2.72
CA THR A 13 -1.24 -7.76 1.51
C THR A 13 -2.11 -6.49 1.44
N ARG A 14 -2.59 -6.15 0.27
CA ARG A 14 -3.45 -4.95 0.14
C ARG A 14 -4.62 -5.06 1.11
N SER A 15 -5.04 -6.25 1.44
CA SER A 15 -6.19 -6.39 2.38
C SER A 15 -5.82 -5.78 3.73
N ALA A 16 -4.66 -6.11 4.24
CA ALA A 16 -4.22 -5.55 5.54
C ALA A 16 -3.86 -4.08 5.36
N PHE A 17 -3.14 -3.77 4.32
CA PHE A 17 -2.74 -2.34 4.10
C PHE A 17 -4.00 -1.49 3.96
N ALA A 18 -5.01 -2.00 3.32
CA ALA A 18 -6.27 -1.22 3.16
C ALA A 18 -6.81 -0.86 4.56
N ASN A 19 -6.33 -1.51 5.57
CA ASN A 19 -6.82 -1.22 6.95
C ASN A 19 -6.50 0.24 7.32
N LEU A 20 -5.40 0.77 6.85
CA LEU A 20 -5.04 2.18 7.18
C LEU A 20 -6.06 3.14 6.57
N PRO A 21 -6.24 4.29 7.17
CA PRO A 21 -7.20 5.31 6.66
C PRO A 21 -7.12 5.47 5.13
N LEU A 22 -8.25 5.51 4.48
CA LEU A 22 -8.27 5.64 3.00
C LEU A 22 -7.38 6.80 2.53
N TRP A 23 -7.48 7.93 3.17
CA TRP A 23 -6.63 9.09 2.75
C TRP A 23 -5.16 8.84 3.08
N ARG A 24 -4.87 8.26 4.21
CA ARG A 24 -3.45 8.01 4.58
C ARG A 24 -2.79 7.07 3.58
N GLN A 25 -3.46 6.03 3.17
CA GLN A 25 -2.84 5.09 2.18
C GLN A 25 -2.29 5.87 0.99
N GLN A 26 -3.01 6.84 0.50
CA GLN A 26 -2.49 7.64 -0.64
C GLN A 26 -1.24 8.40 -0.19
N ASN A 27 -1.25 8.84 1.04
CA ASN A 27 -0.06 9.58 1.58
C ASN A 27 1.15 8.64 1.60
N LEU A 28 1.01 7.48 2.17
CA LEU A 28 2.15 6.52 2.23
C LEU A 28 2.42 5.94 0.84
N ARG A 29 1.41 5.82 0.01
CA ARG A 29 1.63 5.25 -1.34
C ARG A 29 2.23 6.31 -2.28
N ARG A 30 1.71 7.50 -2.31
CA ARG A 30 2.29 8.54 -3.20
C ARG A 30 3.72 8.82 -2.76
N GLU A 31 3.95 8.90 -1.47
CA GLU A 31 5.34 9.16 -0.98
C GLU A 31 6.25 8.00 -1.41
N ARG A 32 5.66 6.89 -1.76
CA ARG A 32 6.48 5.71 -2.17
C ARG A 32 6.62 5.64 -3.69
N GLY A 33 5.93 6.49 -4.41
CA GLY A 33 6.03 6.46 -5.89
C GLY A 33 4.97 5.52 -6.48
N LEU A 34 4.21 4.87 -5.64
CA LEU A 34 3.16 3.95 -6.15
C LEU A 34 1.78 4.59 -5.99
N PHE A 35 0.95 4.50 -7.00
CA PHE A 35 -0.40 5.11 -6.90
C PHE A 35 -1.23 4.71 -8.13
CA LEU A 1 -1.76 -4.98 -8.78
C LEU A 1 -0.44 -5.47 -8.19
N SER A 2 0.22 -6.37 -8.85
CA SER A 2 1.52 -6.89 -8.32
C SER A 2 1.38 -7.18 -6.83
N ASP A 3 0.46 -8.04 -6.46
CA ASP A 3 0.30 -8.38 -5.02
C ASP A 3 1.63 -8.87 -4.47
N GLU A 4 2.40 -9.56 -5.26
CA GLU A 4 3.73 -10.03 -4.79
C GLU A 4 4.64 -8.83 -4.57
N ASP A 5 4.72 -7.96 -5.54
CA ASP A 5 5.57 -6.75 -5.38
C ASP A 5 4.99 -5.85 -4.28
N PHE A 6 3.69 -5.69 -4.27
CA PHE A 6 3.06 -4.83 -3.23
C PHE A 6 3.42 -5.34 -1.84
N ARG A 7 3.09 -6.57 -1.54
CA ARG A 7 3.41 -7.11 -0.19
C ARG A 7 4.88 -6.86 0.15
N ALA A 8 5.75 -6.92 -0.83
CA ALA A 8 7.19 -6.68 -0.57
C ALA A 8 7.44 -5.22 -0.22
N VAL A 9 6.62 -4.33 -0.71
CA VAL A 9 6.83 -2.88 -0.44
C VAL A 9 6.39 -2.52 0.99
N PF5 A 10 5.21 -2.92 1.39
CA PF5 A 10 4.74 -2.56 2.77
CB PF5 A 10 3.28 -2.12 2.68
CG PF5 A 10 3.20 -1.05 1.62
CD1 PF5 A 10 2.94 -1.40 0.29
FD1 PF5 A 10 2.68 -2.69 -0.03
CD2 PF5 A 10 3.45 0.29 1.95
FD2 PF5 A 10 3.70 0.62 3.23
CE1 PF5 A 10 2.94 -0.42 -0.71
FE1 PF5 A 10 2.70 -0.76 -1.99
CE2 PF5 A 10 3.42 1.27 0.96
FE2 PF5 A 10 3.62 2.56 1.30
CZ PF5 A 10 3.18 0.92 -0.37
FZ PF5 A 10 3.19 1.85 -1.33
C PF5 A 10 4.89 -3.75 3.71
O PF5 A 10 4.88 -3.60 4.92
H PF5 A 10 4.63 -3.43 0.79
HA PF5 A 10 5.34 -1.74 3.14
HB2 PF5 A 10 2.96 -1.71 3.63
HB3 PF5 A 10 2.66 -2.96 2.41
N GLY A 11 5.04 -4.93 3.18
CA GLY A 11 5.20 -6.12 4.06
C GLY A 11 3.83 -6.70 4.41
N MET A 12 2.81 -6.31 3.69
CA MET A 12 1.45 -6.84 4.00
C MET A 12 0.62 -6.85 2.71
N THR A 13 -0.39 -7.68 2.65
CA THR A 13 -1.23 -7.74 1.42
C THR A 13 -2.07 -6.47 1.32
N ARG A 14 -2.48 -6.11 0.12
CA ARG A 14 -3.31 -4.89 -0.04
C ARG A 14 -4.54 -4.98 0.85
N SER A 15 -5.00 -6.17 1.14
CA SER A 15 -6.21 -6.31 1.99
C SER A 15 -5.91 -5.75 3.38
N ALA A 16 -4.79 -6.10 3.94
CA ALA A 16 -4.44 -5.58 5.29
C ALA A 16 -4.03 -4.11 5.17
N PHE A 17 -3.26 -3.78 4.17
CA PHE A 17 -2.82 -2.37 4.00
C PHE A 17 -4.06 -1.48 3.84
N ALA A 18 -5.06 -1.96 3.14
CA ALA A 18 -6.29 -1.14 2.96
C ALA A 18 -6.88 -0.79 4.33
N ASN A 19 -6.46 -1.50 5.35
CA ASN A 19 -6.98 -1.22 6.72
C ASN A 19 -6.62 0.20 7.16
N LEU A 20 -5.48 0.70 6.74
CA LEU A 20 -5.06 2.08 7.13
C LEU A 20 -6.04 3.11 6.55
N PRO A 21 -6.19 4.24 7.19
CA PRO A 21 -7.10 5.32 6.72
C PRO A 21 -6.96 5.57 5.21
N LEU A 22 -8.06 5.70 4.53
CA LEU A 22 -8.02 5.93 3.05
C LEU A 22 -7.11 7.11 2.70
N TRP A 23 -7.24 8.20 3.38
CA TRP A 23 -6.39 9.38 3.07
C TRP A 23 -4.92 9.07 3.38
N ARG A 24 -4.65 8.31 4.40
CA ARG A 24 -3.24 7.98 4.75
C ARG A 24 -2.62 7.07 3.68
N GLN A 25 -3.32 6.05 3.28
CA GLN A 25 -2.76 5.13 2.24
C GLN A 25 -2.23 5.94 1.06
N GLN A 26 -2.98 6.91 0.59
CA GLN A 26 -2.48 7.74 -0.54
C GLN A 26 -1.21 8.47 -0.08
N ASN A 27 -1.20 8.90 1.15
CA ASN A 27 0.00 9.60 1.70
C ASN A 27 1.20 8.65 1.66
N LEU A 28 1.05 7.47 2.19
CA LEU A 28 2.18 6.50 2.18
C LEU A 28 2.39 5.94 0.78
N ARG A 29 1.36 5.82 0.00
CA ARG A 29 1.51 5.27 -1.38
C ARG A 29 2.02 6.35 -2.32
N ARG A 30 1.43 7.52 -2.32
CA ARG A 30 1.93 8.59 -3.23
C ARG A 30 3.40 8.87 -2.92
N GLU A 31 3.75 8.97 -1.67
CA GLU A 31 5.17 9.20 -1.31
C GLU A 31 6.01 8.02 -1.79
N ARG A 32 5.39 6.91 -2.06
CA ARG A 32 6.14 5.71 -2.52
C ARG A 32 6.28 5.71 -4.04
N GLY A 33 5.43 6.42 -4.74
CA GLY A 33 5.51 6.44 -6.22
C GLY A 33 4.61 5.35 -6.82
N LEU A 34 3.96 4.58 -5.98
CA LEU A 34 3.06 3.51 -6.51
C LEU A 34 1.62 4.00 -6.48
N PHE A 35 1.34 5.03 -5.74
CA PHE A 35 -0.06 5.55 -5.69
C PHE A 35 -1.04 4.38 -5.61
CA LEU A 1 -2.23 -5.46 -8.47
C LEU A 1 -1.03 -6.35 -8.15
N SER A 2 0.15 -5.79 -8.20
CA SER A 2 1.37 -6.59 -7.90
C SER A 2 1.30 -7.10 -6.46
N ASP A 3 0.47 -8.07 -6.19
CA ASP A 3 0.39 -8.60 -4.80
C ASP A 3 1.76 -9.14 -4.38
N GLU A 4 2.52 -9.62 -5.33
CA GLU A 4 3.88 -10.15 -4.99
C GLU A 4 4.79 -8.97 -4.67
N ASP A 5 4.89 -8.02 -5.57
CA ASP A 5 5.77 -6.84 -5.32
C ASP A 5 5.14 -5.96 -4.24
N PHE A 6 3.85 -5.77 -4.30
CA PHE A 6 3.17 -4.93 -3.27
C PHE A 6 3.53 -5.43 -1.87
N ARG A 7 3.23 -6.66 -1.57
CA ARG A 7 3.53 -7.20 -0.22
C ARG A 7 5.00 -6.90 0.15
N ALA A 8 5.88 -6.96 -0.81
CA ALA A 8 7.31 -6.68 -0.51
C ALA A 8 7.52 -5.20 -0.19
N VAL A 9 6.69 -4.34 -0.72
CA VAL A 9 6.86 -2.88 -0.46
C VAL A 9 6.40 -2.51 0.96
N PF5 A 10 5.22 -2.91 1.35
CA PF5 A 10 4.75 -2.54 2.71
CB PF5 A 10 3.28 -2.11 2.62
CG PF5 A 10 3.17 -1.07 1.53
CD1 PF5 A 10 2.92 -1.46 0.21
FD1 PF5 A 10 2.67 -2.75 -0.07
CD2 PF5 A 10 3.43 0.27 1.82
FD2 PF5 A 10 3.68 0.64 3.10
CE1 PF5 A 10 2.93 -0.51 -0.81
FE1 PF5 A 10 2.71 -0.89 -2.09
CE2 PF5 A 10 3.41 1.23 0.81
FE2 PF5 A 10 3.61 2.53 1.11
CZ PF5 A 10 3.17 0.84 -0.51
FZ PF5 A 10 3.19 1.75 -1.50
C PF5 A 10 4.90 -3.71 3.68
O PF5 A 10 5.00 -3.52 4.88
H PF5 A 10 4.65 -3.43 0.75
HA PF5 A 10 5.32 -1.70 3.08
HB2 PF5 A 10 2.96 -1.69 3.56
HB3 PF5 A 10 2.66 -2.96 2.37
N GLY A 11 4.94 -4.91 3.19
CA GLY A 11 5.09 -6.07 4.09
C GLY A 11 3.72 -6.67 4.42
N MET A 12 2.69 -6.21 3.77
CA MET A 12 1.33 -6.75 4.05
C MET A 12 0.54 -6.85 2.74
N THR A 13 -0.55 -7.54 2.75
CA THR A 13 -1.38 -7.67 1.51
C THR A 13 -2.27 -6.44 1.36
N ARG A 14 -2.67 -6.14 0.15
CA ARG A 14 -3.55 -4.96 -0.08
C ARG A 14 -4.77 -5.05 0.85
N SER A 15 -5.19 -6.25 1.19
CA SER A 15 -6.37 -6.40 2.07
C SER A 15 -6.05 -5.82 3.45
N ALA A 16 -4.91 -6.17 3.99
CA ALA A 16 -4.53 -5.64 5.33
C ALA A 16 -4.08 -4.18 5.17
N PHE A 17 -3.28 -3.90 4.18
CA PHE A 17 -2.82 -2.49 3.97
C PHE A 17 -4.03 -1.58 3.83
N ALA A 18 -5.06 -2.04 3.17
CA ALA A 18 -6.27 -1.20 3.01
C ALA A 18 -6.84 -0.85 4.38
N ASN A 19 -6.41 -1.56 5.40
CA ASN A 19 -6.93 -1.28 6.78
C ASN A 19 -6.56 0.14 7.20
N LEU A 20 -5.47 0.66 6.72
CA LEU A 20 -5.06 2.05 7.10
C LEU A 20 -6.05 3.06 6.53
N PRO A 21 -6.20 4.19 7.19
CA PRO A 21 -7.14 5.26 6.73
C PRO A 21 -7.06 5.48 5.21
N LEU A 22 -8.19 5.63 4.57
CA LEU A 22 -8.20 5.82 3.09
C LEU A 22 -7.28 6.98 2.67
N TRP A 23 -7.31 8.06 3.39
CA TRP A 23 -6.43 9.22 3.02
C TRP A 23 -4.96 8.91 3.32
N ARG A 24 -4.70 8.26 4.42
CA ARG A 24 -3.28 7.94 4.78
C ARG A 24 -2.64 7.03 3.72
N GLN A 25 -3.34 6.03 3.26
CA GLN A 25 -2.74 5.13 2.23
C GLN A 25 -2.16 5.96 1.08
N GLN A 26 -2.85 6.98 0.65
CA GLN A 26 -2.29 7.83 -0.44
C GLN A 26 -1.00 8.48 0.05
N ASN A 27 -0.99 8.89 1.30
CA ASN A 27 0.23 9.51 1.87
C ASN A 27 1.39 8.51 1.82
N LEU A 28 1.16 7.32 2.29
CA LEU A 28 2.25 6.29 2.26
C LEU A 28 2.46 5.77 0.83
N ARG A 29 1.42 5.75 0.03
CA ARG A 29 1.59 5.25 -1.36
C ARG A 29 2.12 6.36 -2.27
N ARG A 30 1.56 7.54 -2.20
CA ARG A 30 2.06 8.63 -3.08
C ARG A 30 3.54 8.89 -2.77
N GLU A 31 3.89 8.92 -1.51
CA GLU A 31 5.32 9.14 -1.14
C GLU A 31 6.15 7.96 -1.64
N ARG A 32 5.50 6.88 -2.01
CA ARG A 32 6.25 5.68 -2.50
C ARG A 32 6.40 5.73 -4.02
N GLY A 33 5.71 6.62 -4.69
CA GLY A 33 5.84 6.70 -6.17
C GLY A 33 4.78 5.80 -6.83
N LEU A 34 3.93 5.19 -6.05
CA LEU A 34 2.89 4.31 -6.64
C LEU A 34 1.51 4.98 -6.50
N PHE A 35 0.55 4.56 -7.27
CA PHE A 35 -0.80 5.17 -7.17
C PHE A 35 -0.69 6.68 -7.32
CA LEU A 1 -2.06 -5.29 -7.99
C LEU A 1 -0.68 -5.79 -7.57
N SER A 2 -0.11 -6.68 -8.32
CA SER A 2 1.25 -7.20 -7.96
C SER A 2 1.28 -7.54 -6.47
N ASP A 3 0.51 -8.50 -6.05
CA ASP A 3 0.51 -8.89 -4.61
C ASP A 3 1.94 -9.24 -4.20
N GLU A 4 2.70 -9.80 -5.10
CA GLU A 4 4.11 -10.14 -4.76
C GLU A 4 4.92 -8.85 -4.64
N ASP A 5 4.85 -8.00 -5.63
CA ASP A 5 5.60 -6.72 -5.57
C ASP A 5 4.97 -5.82 -4.51
N PHE A 6 3.67 -5.73 -4.50
CA PHE A 6 2.99 -4.87 -3.49
C PHE A 6 3.39 -5.31 -2.07
N ARG A 7 3.13 -6.54 -1.73
CA ARG A 7 3.48 -7.03 -0.37
C ARG A 7 4.93 -6.68 -0.04
N ALA A 8 5.80 -6.73 -1.01
CA ALA A 8 7.23 -6.40 -0.76
C ALA A 8 7.38 -4.91 -0.45
N VAL A 9 6.52 -4.09 -0.97
CA VAL A 9 6.65 -2.62 -0.72
C VAL A 9 6.15 -2.25 0.68
N PF5 A 10 4.98 -2.68 1.05
CA PF5 A 10 4.45 -2.31 2.40
CB PF5 A 10 3.01 -1.85 2.25
CG PF5 A 10 2.95 -0.87 1.12
CD1 PF5 A 10 2.70 -1.30 -0.19
FD1 PF5 A 10 2.47 -2.61 -0.42
CD2 PF5 A 10 3.19 0.49 1.36
FD2 PF5 A 10 3.45 0.91 2.62
CE1 PF5 A 10 2.71 -0.39 -1.25
FE1 PF5 A 10 2.48 -0.82 -2.50
CE2 PF5 A 10 3.17 1.40 0.30
FE2 PF5 A 10 3.38 2.72 0.55
CZ PF5 A 10 2.93 0.97 -1.01
FZ PF5 A 10 2.95 1.85 -2.02
C PF5 A 10 4.54 -3.50 3.36
O PF5 A 10 4.05 -3.44 4.47
H PF5 A 10 4.44 -3.24 0.45
HA PF5 A 10 5.03 -1.49 2.80
HB2 PF5 A 10 2.67 -1.38 3.16
HB3 PF5 A 10 2.36 -2.70 2.02
N GLY A 11 5.16 -4.56 2.95
CA GLY A 11 5.29 -5.74 3.85
C GLY A 11 3.90 -6.18 4.32
N MET A 12 2.87 -5.81 3.60
CA MET A 12 1.49 -6.20 4.01
C MET A 12 0.65 -6.50 2.76
N THR A 13 -0.40 -7.24 2.91
CA THR A 13 -1.25 -7.57 1.73
C THR A 13 -2.14 -6.37 1.39
N ARG A 14 -2.49 -6.22 0.13
CA ARG A 14 -3.36 -5.07 -0.27
C ARG A 14 -4.65 -5.09 0.55
N SER A 15 -5.10 -6.26 0.93
CA SER A 15 -6.37 -6.34 1.70
C SER A 15 -6.15 -5.73 3.08
N ALA A 16 -5.08 -6.10 3.74
CA ALA A 16 -4.80 -5.55 5.09
C ALA A 16 -4.32 -4.10 4.94
N PHE A 17 -3.53 -3.83 3.95
CA PHE A 17 -3.03 -2.44 3.75
C PHE A 17 -4.22 -1.50 3.59
N ALA A 18 -5.23 -1.92 2.89
CA ALA A 18 -6.42 -1.05 2.70
C ALA A 18 -7.01 -0.71 4.07
N ASN A 19 -6.66 -1.45 5.08
CA ASN A 19 -7.20 -1.18 6.44
C ASN A 19 -6.76 0.22 6.91
N LEU A 20 -5.57 0.63 6.58
CA LEU A 20 -5.08 1.98 7.01
C LEU A 20 -6.07 3.06 6.54
N PRO A 21 -6.14 4.15 7.25
CA PRO A 21 -7.05 5.28 6.90
C PRO A 21 -7.05 5.58 5.40
N LEU A 22 -8.19 5.91 4.85
CA LEU A 22 -8.28 6.19 3.39
C LEU A 22 -7.32 7.31 2.98
N TRP A 23 -7.15 8.30 3.80
CA TRP A 23 -6.25 9.43 3.44
C TRP A 23 -4.78 9.03 3.68
N ARG A 24 -4.52 8.22 4.67
CA ARG A 24 -3.12 7.82 4.96
C ARG A 24 -2.56 6.94 3.84
N GLN A 25 -3.27 5.91 3.45
CA GLN A 25 -2.76 5.01 2.38
C GLN A 25 -2.28 5.86 1.19
N GLN A 26 -2.98 6.90 0.84
CA GLN A 26 -2.50 7.76 -0.28
C GLN A 26 -1.20 8.44 0.15
N ASN A 27 -1.09 8.78 1.40
CA ASN A 27 0.14 9.43 1.91
C ASN A 27 1.32 8.46 1.78
N LEU A 28 1.18 7.27 2.32
CA LEU A 28 2.29 6.28 2.23
C LEU A 28 2.47 5.81 0.78
N ARG A 29 1.41 5.75 0.02
CA ARG A 29 1.53 5.28 -1.39
C ARG A 29 2.17 6.36 -2.27
N ARG A 30 1.73 7.58 -2.15
CA ARG A 30 2.34 8.66 -2.99
C ARG A 30 3.78 8.90 -2.52
N GLU A 31 4.03 8.75 -1.25
CA GLU A 31 5.41 8.96 -0.73
C GLU A 31 6.38 8.10 -1.53
N ARG A 32 5.90 7.01 -2.08
CA ARG A 32 6.79 6.10 -2.85
C ARG A 32 6.49 6.21 -4.36
N GLY A 33 5.52 7.00 -4.74
CA GLY A 33 5.21 7.14 -6.19
C GLY A 33 4.41 5.92 -6.66
N LEU A 34 4.20 4.95 -5.80
CA LEU A 34 3.43 3.74 -6.22
C LEU A 34 1.99 3.86 -5.73
N PHE A 35 1.03 3.67 -6.60
CA PHE A 35 -0.39 3.79 -6.17
C PHE A 35 -1.29 3.31 -7.30
CA LEU A 1 -2.27 -5.44 -8.63
C LEU A 1 -0.93 -5.49 -7.89
N SER A 2 0.10 -5.94 -8.55
CA SER A 2 1.43 -6.01 -7.87
C SER A 2 1.26 -6.65 -6.49
N ASP A 3 0.36 -7.58 -6.36
CA ASP A 3 0.16 -8.24 -5.04
C ASP A 3 1.49 -8.81 -4.57
N GLU A 4 2.32 -9.24 -5.48
CA GLU A 4 3.65 -9.79 -5.09
C GLU A 4 4.59 -8.64 -4.76
N ASP A 5 4.79 -7.74 -5.69
CA ASP A 5 5.68 -6.58 -5.43
C ASP A 5 5.08 -5.73 -4.31
N PHE A 6 3.78 -5.57 -4.30
CA PHE A 6 3.13 -4.75 -3.24
C PHE A 6 3.48 -5.33 -1.86
N ARG A 7 3.14 -6.56 -1.62
CA ARG A 7 3.44 -7.17 -0.29
C ARG A 7 4.90 -6.92 0.10
N ALA A 8 5.78 -6.93 -0.87
CA ALA A 8 7.23 -6.70 -0.57
C ALA A 8 7.46 -5.22 -0.17
N VAL A 9 6.65 -4.33 -0.65
CA VAL A 9 6.84 -2.89 -0.33
C VAL A 9 6.35 -2.57 1.09
N PF5 A 10 5.16 -2.97 1.44
CA PF5 A 10 4.64 -2.65 2.80
CB PF5 A 10 3.20 -2.20 2.67
CG PF5 A 10 3.14 -1.10 1.65
CD1 PF5 A 10 2.93 -1.41 0.30
FD1 PF5 A 10 2.69 -2.69 -0.06
CD2 PF5 A 10 3.38 0.22 2.03
FD2 PF5 A 10 3.60 0.52 3.33
CE1 PF5 A 10 2.96 -0.40 -0.67
FE1 PF5 A 10 2.77 -0.71 -1.97
CE2 PF5 A 10 3.38 1.24 1.07
FE2 PF5 A 10 3.59 2.52 1.45
CZ PF5 A 10 3.19 0.92 -0.28
FZ PF5 A 10 3.24 1.90 -1.21
C PF5 A 10 4.76 -3.87 3.71
O PF5 A 10 4.53 -3.78 4.90
H PF5 A 10 4.60 -3.46 0.79
HA PF5 A 10 5.23 -1.84 3.21
HB2 PF5 A 10 2.84 -1.82 3.62
HB3 PF5 A 10 2.58 -3.03 2.35
N GLY A 11 5.11 -5.00 3.18
CA GLY A 11 5.24 -6.21 4.04
C GLY A 11 3.85 -6.72 4.44
N MET A 12 2.87 -6.49 3.61
CA MET A 12 1.50 -6.96 3.96
C MET A 12 0.64 -6.96 2.69
N THR A 13 -0.39 -7.77 2.67
CA THR A 13 -1.26 -7.83 1.46
C THR A 13 -2.08 -6.53 1.36
N ARG A 14 -2.47 -6.17 0.16
CA ARG A 14 -3.28 -4.92 0.00
C ARG A 14 -4.52 -5.00 0.89
N SER A 15 -5.02 -6.17 1.16
CA SER A 15 -6.23 -6.30 2.01
C SER A 15 -5.91 -5.76 3.40
N ALA A 16 -4.78 -6.11 3.94
CA ALA A 16 -4.42 -5.62 5.30
C ALA A 16 -4.00 -4.15 5.20
N PHE A 17 -3.30 -3.79 4.16
CA PHE A 17 -2.87 -2.37 3.99
C PHE A 17 -4.10 -1.48 3.93
N ALA A 18 -5.17 -1.96 3.32
CA ALA A 18 -6.40 -1.14 3.23
C ALA A 18 -6.91 -0.80 4.63
N ASN A 19 -6.41 -1.50 5.62
CA ASN A 19 -6.86 -1.25 7.02
C ASN A 19 -6.51 0.19 7.43
N LEU A 20 -5.43 0.73 6.92
CA LEU A 20 -5.03 2.13 7.29
C LEU A 20 -6.04 3.12 6.71
N PRO A 21 -6.19 4.26 7.34
CA PRO A 21 -7.14 5.31 6.85
C PRO A 21 -7.06 5.52 5.34
N LEU A 22 -8.20 5.57 4.70
CA LEU A 22 -8.21 5.75 3.21
C LEU A 22 -7.29 6.89 2.78
N TRP A 23 -7.45 8.06 3.35
CA TRP A 23 -6.59 9.21 2.95
C TRP A 23 -5.11 8.90 3.25
N ARG A 24 -4.83 8.32 4.38
CA ARG A 24 -3.41 8.02 4.73
C ARG A 24 -2.78 7.07 3.71
N GLN A 25 -3.48 6.05 3.30
CA GLN A 25 -2.90 5.10 2.30
C GLN A 25 -2.34 5.88 1.10
N GLN A 26 -3.06 6.87 0.64
CA GLN A 26 -2.54 7.68 -0.51
C GLN A 26 -1.29 8.42 -0.05
N ASN A 27 -1.29 8.87 1.17
CA ASN A 27 -0.11 9.59 1.72
C ASN A 27 1.11 8.67 1.70
N LEU A 28 0.98 7.51 2.27
CA LEU A 28 2.13 6.55 2.30
C LEU A 28 2.39 5.99 0.89
N ARG A 29 1.37 5.86 0.09
CA ARG A 29 1.56 5.31 -1.28
C ARG A 29 2.11 6.40 -2.22
N ARG A 30 1.62 7.60 -2.14
CA ARG A 30 2.13 8.67 -3.03
C ARG A 30 3.61 8.90 -2.74
N GLU A 31 3.97 8.98 -1.48
CA GLU A 31 5.40 9.18 -1.13
C GLU A 31 6.21 7.98 -1.61
N ARG A 32 5.55 6.89 -1.91
CA ARG A 32 6.27 5.67 -2.36
C ARG A 32 6.49 5.71 -3.88
N GLY A 33 5.70 6.45 -4.60
CA GLY A 33 5.87 6.52 -6.08
C GLY A 33 5.01 5.45 -6.75
N LEU A 34 4.21 4.74 -6.00
CA LEU A 34 3.34 3.69 -6.61
C LEU A 34 1.91 4.20 -6.70
N PHE A 35 1.10 3.57 -7.50
CA PHE A 35 -0.32 4.02 -7.63
C PHE A 35 -0.35 5.51 -7.97
CA LEU A 1 -1.52 -3.84 -8.06
C LEU A 1 -0.28 -4.63 -7.65
N SER A 2 0.17 -5.52 -8.49
CA SER A 2 1.37 -6.32 -8.15
C SER A 2 1.26 -6.83 -6.71
N ASP A 3 0.34 -7.73 -6.46
CA ASP A 3 0.20 -8.27 -5.07
C ASP A 3 1.53 -8.84 -4.63
N GLU A 4 2.31 -9.36 -5.55
CA GLU A 4 3.63 -9.93 -5.17
C GLU A 4 4.58 -8.78 -4.83
N ASP A 5 4.71 -7.82 -5.70
CA ASP A 5 5.61 -6.67 -5.42
C ASP A 5 5.01 -5.81 -4.31
N PHE A 6 3.73 -5.58 -4.37
CA PHE A 6 3.06 -4.76 -3.31
C PHE A 6 3.39 -5.34 -1.93
N ARG A 7 3.06 -6.57 -1.68
CA ARG A 7 3.34 -7.18 -0.35
C ARG A 7 4.79 -6.94 0.04
N ALA A 8 5.70 -6.98 -0.91
CA ALA A 8 7.13 -6.75 -0.59
C ALA A 8 7.36 -5.29 -0.18
N VAL A 9 6.57 -4.38 -0.70
CA VAL A 9 6.77 -2.94 -0.36
C VAL A 9 6.35 -2.65 1.09
N PF5 A 10 5.18 -3.07 1.49
CA PF5 A 10 4.74 -2.78 2.89
CB PF5 A 10 3.29 -2.30 2.85
CG PF5 A 10 3.20 -1.20 1.81
CD1 PF5 A 10 2.91 -1.51 0.48
FD1 PF5 A 10 2.63 -2.79 0.14
CD2 PF5 A 10 3.48 0.12 2.18
FD2 PF5 A 10 3.77 0.42 3.46
CE1 PF5 A 10 2.90 -0.51 -0.48
FE1 PF5 A 10 2.63 -0.81 -1.77
CE2 PF5 A 10 3.44 1.13 1.22
FE2 PF5 A 10 3.67 2.41 1.58
CZ PF5 A 10 3.17 0.82 -0.12
FZ PF5 A 10 3.17 1.79 -1.05
C PF5 A 10 4.87 -4.02 3.76
O PF5 A 10 4.75 -3.95 4.97
H PF5 A 10 4.58 -3.55 0.87
HA PF5 A 10 5.36 -1.99 3.30
HB2 PF5 A 10 3.00 -1.91 3.82
HB3 PF5 A 10 2.64 -3.11 2.57
N GLY A 11 5.12 -5.16 3.17
CA GLY A 11 5.27 -6.39 3.98
C GLY A 11 3.88 -6.92 4.38
N MET A 12 2.88 -6.60 3.62
CA MET A 12 1.50 -7.09 3.96
C MET A 12 0.63 -7.07 2.71
N THR A 13 -0.38 -7.90 2.66
CA THR A 13 -1.26 -7.93 1.47
C THR A 13 -2.10 -6.65 1.42
N ARG A 14 -2.55 -6.28 0.24
CA ARG A 14 -3.37 -5.04 0.13
C ARG A 14 -4.56 -5.13 1.09
N SER A 15 -5.02 -6.33 1.37
CA SER A 15 -6.18 -6.46 2.29
C SER A 15 -5.82 -5.88 3.66
N ALA A 16 -4.66 -6.20 4.15
CA ALA A 16 -4.24 -5.67 5.48
C ALA A 16 -3.87 -4.18 5.32
N PHE A 17 -3.15 -3.85 4.29
CA PHE A 17 -2.76 -2.43 4.08
C PHE A 17 -4.02 -1.57 4.01
N ALA A 18 -5.09 -2.10 3.49
CA ALA A 18 -6.35 -1.32 3.41
C ALA A 18 -6.83 -0.98 4.82
N ASN A 19 -6.12 -1.43 5.82
CA ASN A 19 -6.53 -1.15 7.22
C ASN A 19 -6.24 0.32 7.57
N LEU A 20 -5.30 0.94 6.90
CA LEU A 20 -4.98 2.37 7.19
C LEU A 20 -6.04 3.28 6.57
N PRO A 21 -6.24 4.45 7.13
CA PRO A 21 -7.24 5.43 6.61
C PRO A 21 -7.18 5.55 5.09
N LEU A 22 -8.32 5.60 4.46
CA LEU A 22 -8.37 5.70 2.97
C LEU A 22 -7.48 6.85 2.46
N TRP A 23 -7.57 7.99 3.08
CA TRP A 23 -6.74 9.15 2.62
C TRP A 23 -5.26 8.93 2.95
N ARG A 24 -4.97 8.37 4.09
CA ARG A 24 -3.55 8.13 4.47
C ARG A 24 -2.86 7.18 3.48
N GLN A 25 -3.52 6.13 3.09
CA GLN A 25 -2.89 5.17 2.15
C GLN A 25 -2.32 5.93 0.94
N GLN A 26 -3.02 6.90 0.44
CA GLN A 26 -2.48 7.68 -0.72
C GLN A 26 -1.22 8.41 -0.25
N ASN A 27 -1.22 8.88 0.96
CA ASN A 27 -0.02 9.59 1.50
C ASN A 27 1.16 8.62 1.54
N LEU A 28 0.99 7.47 2.14
CA LEU A 28 2.11 6.49 2.19
C LEU A 28 2.38 5.90 0.81
N ARG A 29 1.38 5.79 -0.02
CA ARG A 29 1.59 5.22 -1.38
C ARG A 29 2.19 6.26 -2.32
N ARG A 30 1.72 7.48 -2.29
CA ARG A 30 2.29 8.51 -3.19
C ARG A 30 3.75 8.77 -2.79
N GLU A 31 4.02 8.85 -1.51
CA GLU A 31 5.41 9.08 -1.06
C GLU A 31 6.28 7.89 -1.48
N ARG A 32 5.65 6.80 -1.84
CA ARG A 32 6.44 5.58 -2.23
C ARG A 32 6.56 5.50 -3.76
N GLY A 33 5.89 6.37 -4.48
CA GLY A 33 5.98 6.31 -5.96
C GLY A 33 4.86 5.43 -6.53
N LEU A 34 4.08 4.83 -5.68
CA LEU A 34 2.97 3.96 -6.17
C LEU A 34 1.63 4.67 -5.99
N PHE A 35 0.78 4.62 -6.99
CA PHE A 35 -0.54 5.30 -6.87
C PHE A 35 -1.41 4.92 -8.07
CA LEU A 1 -2.45 -5.98 -8.64
C LEU A 1 -1.11 -6.65 -8.33
N SER A 2 -0.04 -5.89 -8.32
CA SER A 2 1.29 -6.49 -8.01
C SER A 2 1.31 -6.99 -6.57
N ASP A 3 0.56 -8.01 -6.28
CA ASP A 3 0.54 -8.55 -4.89
C ASP A 3 1.96 -9.00 -4.52
N GLU A 4 2.71 -9.46 -5.48
CA GLU A 4 4.10 -9.90 -5.20
C GLU A 4 4.96 -8.67 -4.88
N ASP A 5 4.93 -7.69 -5.75
CA ASP A 5 5.74 -6.46 -5.52
C ASP A 5 5.10 -5.65 -4.39
N PHE A 6 3.80 -5.50 -4.42
CA PHE A 6 3.10 -4.73 -3.36
C PHE A 6 3.43 -5.32 -1.98
N ARG A 7 3.13 -6.57 -1.77
CA ARG A 7 3.42 -7.19 -0.45
C ARG A 7 4.86 -6.92 -0.03
N ALA A 8 5.77 -6.88 -0.98
CA ALA A 8 7.20 -6.61 -0.63
C ALA A 8 7.37 -5.15 -0.20
N VAL A 9 6.57 -4.26 -0.71
CA VAL A 9 6.72 -2.82 -0.34
C VAL A 9 6.18 -2.55 1.07
N PF5 A 10 4.98 -2.96 1.36
CA PF5 A 10 4.41 -2.68 2.72
CB PF5 A 10 2.97 -2.20 2.55
CG PF5 A 10 2.97 -1.10 1.51
CD1 PF5 A 10 2.79 -1.43 0.17
FD1 PF5 A 10 2.54 -2.70 -0.20
CD2 PF5 A 10 3.22 0.22 1.89
FD2 PF5 A 10 3.42 0.53 3.19
CE1 PF5 A 10 2.84 -0.42 -0.81
FE1 PF5 A 10 2.66 -0.73 -2.11
CE2 PF5 A 10 3.25 1.23 0.92
FE2 PF5 A 10 3.45 2.51 1.30
CZ PF5 A 10 3.07 0.90 -0.43
FZ PF5 A 10 3.14 1.88 -1.37
C PF5 A 10 4.46 -3.94 3.58
O PF5 A 10 3.87 -3.99 4.65
H PF5 A 10 4.44 -3.43 0.69
HA PF5 A 10 4.99 -1.91 3.19
HB2 PF5 A 10 2.61 -1.80 3.49
HB3 PF5 A 10 2.34 -3.01 2.23
N GLY A 11 5.15 -4.95 3.15
CA GLY A 11 5.23 -6.20 3.96
C GLY A 11 3.81 -6.64 4.35
N MET A 12 2.81 -6.14 3.68
CA MET A 12 1.41 -6.53 4.02
C MET A 12 0.60 -6.68 2.74
N THR A 13 -0.51 -7.38 2.80
CA THR A 13 -1.34 -7.56 1.58
C THR A 13 -2.26 -6.36 1.41
N ARG A 14 -2.69 -6.08 0.20
CA ARG A 14 -3.59 -4.92 -0.02
C ARG A 14 -4.80 -5.03 0.91
N SER A 15 -5.19 -6.22 1.27
CA SER A 15 -6.37 -6.38 2.17
C SER A 15 -6.02 -5.79 3.54
N ALA A 16 -4.87 -6.13 4.06
CA ALA A 16 -4.47 -5.59 5.39
C ALA A 16 -4.05 -4.13 5.23
N PHE A 17 -3.28 -3.83 4.22
CA PHE A 17 -2.84 -2.42 4.02
C PHE A 17 -4.06 -1.53 3.90
N ALA A 18 -5.12 -2.01 3.32
CA ALA A 18 -6.36 -1.18 3.20
C ALA A 18 -6.87 -0.83 4.59
N ASN A 19 -6.39 -1.50 5.60
CA ASN A 19 -6.86 -1.21 6.99
C ASN A 19 -6.52 0.23 7.38
N LEU A 20 -5.42 0.75 6.90
CA LEU A 20 -5.04 2.15 7.24
C LEU A 20 -6.06 3.13 6.67
N PRO A 21 -6.22 4.28 7.29
CA PRO A 21 -7.17 5.32 6.81
C PRO A 21 -7.12 5.51 5.30
N LEU A 22 -8.26 5.58 4.67
CA LEU A 22 -8.31 5.73 3.19
C LEU A 22 -7.40 6.88 2.73
N TRP A 23 -7.45 8.01 3.39
CA TRP A 23 -6.60 9.16 2.97
C TRP A 23 -5.12 8.86 3.25
N ARG A 24 -4.82 8.26 4.37
CA ARG A 24 -3.40 7.97 4.70
C ARG A 24 -2.77 7.02 3.67
N GLN A 25 -3.49 6.01 3.26
CA GLN A 25 -2.92 5.06 2.25
C GLN A 25 -2.36 5.84 1.06
N GLN A 26 -3.06 6.85 0.61
CA GLN A 26 -2.54 7.65 -0.54
C GLN A 26 -1.27 8.38 -0.08
N ASN A 27 -1.26 8.82 1.15
CA ASN A 27 -0.07 9.54 1.68
C ASN A 27 1.15 8.61 1.65
N LEU A 28 1.03 7.44 2.21
CA LEU A 28 2.17 6.49 2.22
C LEU A 28 2.45 5.97 0.81
N ARG A 29 1.44 5.86 -0.01
CA ARG A 29 1.66 5.35 -1.39
C ARG A 29 2.31 6.42 -2.27
N ARG A 30 1.92 7.66 -2.13
CA ARG A 30 2.54 8.72 -2.97
C ARG A 30 3.99 8.93 -2.54
N GLU A 31 4.25 8.83 -1.27
CA GLU A 31 5.65 9.01 -0.78
C GLU A 31 6.56 8.01 -1.50
N ARG A 32 6.00 6.94 -1.98
CA ARG A 32 6.82 5.91 -2.69
C ARG A 32 6.50 5.89 -4.18
N GLY A 33 5.55 6.68 -4.62
CA GLY A 33 5.23 6.70 -6.07
C GLY A 33 4.82 5.30 -6.54
N LEU A 34 3.71 4.80 -6.07
CA LEU A 34 3.27 3.44 -6.50
C LEU A 34 1.79 3.49 -6.89
N PHE A 35 1.16 4.62 -6.72
CA PHE A 35 -0.28 4.73 -7.08
C PHE A 35 -0.65 6.18 -7.34
CA LEU A 1 -2.49 -6.76 -8.98
C LEU A 1 -1.12 -7.30 -8.55
N SER A 2 -0.12 -6.46 -8.52
CA SER A 2 1.23 -6.94 -8.11
C SER A 2 1.22 -7.26 -6.62
N ASP A 3 0.34 -8.12 -6.20
CA ASP A 3 0.29 -8.49 -4.75
C ASP A 3 1.67 -8.97 -4.32
N GLU A 4 2.39 -9.61 -5.20
CA GLU A 4 3.74 -10.11 -4.85
C GLU A 4 4.67 -8.91 -4.66
N ASP A 5 4.72 -8.03 -5.61
CA ASP A 5 5.59 -6.82 -5.48
C ASP A 5 5.05 -5.93 -4.35
N PHE A 6 3.77 -5.77 -4.29
CA PHE A 6 3.17 -4.91 -3.23
C PHE A 6 3.62 -5.42 -1.85
N ARG A 7 3.31 -6.63 -1.53
CA ARG A 7 3.69 -7.18 -0.19
C ARG A 7 5.17 -6.90 0.08
N ALA A 8 5.99 -6.93 -0.94
CA ALA A 8 7.45 -6.66 -0.74
C ALA A 8 7.68 -5.20 -0.38
N VAL A 9 6.82 -4.32 -0.82
CA VAL A 9 7.01 -2.86 -0.53
C VAL A 9 6.55 -2.51 0.89
N PF5 A 10 5.38 -2.92 1.28
CA PF5 A 10 4.89 -2.57 2.65
CB PF5 A 10 3.43 -2.14 2.55
CG PF5 A 10 3.34 -1.09 1.48
CD1 PF5 A 10 3.11 -1.45 0.15
FD1 PF5 A 10 2.90 -2.75 -0.17
CD2 PF5 A 10 3.53 0.26 1.81
FD2 PF5 A 10 3.75 0.62 3.08
CE1 PF5 A 10 3.11 -0.48 -0.86
FE1 PF5 A 10 2.91 -0.84 -2.14
CE2 PF5 A 10 3.48 1.24 0.80
FE2 PF5 A 10 3.64 2.54 1.13
CZ PF5 A 10 3.30 0.87 -0.53
FZ PF5 A 10 3.29 1.80 -1.50
C PF5 A 10 5.03 -3.75 3.60
O PF5 A 10 4.88 -3.62 4.79
H PF5 A 10 4.80 -3.44 0.68
HA PF5 A 10 5.47 -1.74 3.02
HB2 PF5 A 10 3.09 -1.72 3.49
HB3 PF5 A 10 2.81 -2.98 2.28
N GLY A 11 5.34 -4.91 3.08
CA GLY A 11 5.49 -6.10 3.97
C GLY A 11 4.12 -6.60 4.41
N MET A 12 3.10 -6.28 3.66
CA MET A 12 1.72 -6.74 4.05
C MET A 12 0.85 -6.84 2.80
N THR A 13 -0.21 -7.60 2.87
CA THR A 13 -1.10 -7.75 1.69
C THR A 13 -1.95 -6.49 1.52
N ARG A 14 -2.35 -6.19 0.30
CA ARG A 14 -3.18 -4.98 0.08
C ARG A 14 -4.49 -5.10 0.87
N SER A 15 -4.95 -6.31 1.11
CA SER A 15 -6.22 -6.48 1.85
C SER A 15 -6.10 -5.81 3.22
N ALA A 16 -5.06 -6.11 3.94
CA ALA A 16 -4.88 -5.50 5.29
C ALA A 16 -4.46 -4.04 5.12
N PHE A 17 -3.76 -3.74 4.05
CA PHE A 17 -3.32 -2.34 3.82
C PHE A 17 -4.55 -1.41 3.80
N ALA A 18 -5.64 -1.89 3.25
CA ALA A 18 -6.86 -1.04 3.21
C ALA A 18 -7.31 -0.71 4.63
N ASN A 19 -6.78 -1.41 5.60
CA ASN A 19 -7.16 -1.15 7.02
C ASN A 19 -6.73 0.27 7.43
N LEU A 20 -5.64 0.75 6.91
CA LEU A 20 -5.17 2.12 7.28
C LEU A 20 -6.13 3.17 6.71
N PRO A 21 -6.23 4.31 7.37
CA PRO A 21 -7.13 5.41 6.92
C PRO A 21 -7.06 5.63 5.40
N LEU A 22 -8.19 5.76 4.77
CA LEU A 22 -8.22 5.96 3.29
C LEU A 22 -7.23 7.04 2.86
N TRP A 23 -7.33 8.22 3.43
CA TRP A 23 -6.41 9.31 3.03
C TRP A 23 -4.95 8.93 3.31
N ARG A 24 -4.69 8.32 4.43
CA ARG A 24 -3.28 7.94 4.77
C ARG A 24 -2.72 6.97 3.73
N GLN A 25 -3.49 6.00 3.32
CA GLN A 25 -2.97 5.02 2.31
C GLN A 25 -2.38 5.77 1.12
N GLN A 26 -3.02 6.82 0.67
CA GLN A 26 -2.45 7.59 -0.48
C GLN A 26 -1.17 8.27 0.00
N ASN A 27 -1.16 8.73 1.22
CA ASN A 27 0.06 9.39 1.77
C ASN A 27 1.23 8.40 1.74
N LEU A 28 1.05 7.23 2.28
CA LEU A 28 2.15 6.22 2.27
C LEU A 28 2.37 5.69 0.85
N ARG A 29 1.34 5.62 0.05
CA ARG A 29 1.51 5.09 -1.33
C ARG A 29 2.00 6.20 -2.27
N ARG A 30 1.39 7.36 -2.24
CA ARG A 30 1.84 8.45 -3.14
C ARG A 30 3.32 8.77 -2.83
N GLU A 31 3.66 8.85 -1.58
CA GLU A 31 5.07 9.12 -1.21
C GLU A 31 5.96 8.01 -1.76
N ARG A 32 5.39 6.87 -2.03
CA ARG A 32 6.19 5.73 -2.55
C ARG A 32 6.42 5.87 -4.05
N GLY A 33 5.60 6.63 -4.73
CA GLY A 33 5.79 6.81 -6.21
C GLY A 33 4.90 5.81 -6.96
N LEU A 34 4.21 4.95 -6.26
CA LEU A 34 3.32 3.98 -6.95
C LEU A 34 1.93 4.59 -7.14
N PHE A 35 1.71 5.76 -6.60
CA PHE A 35 0.37 6.40 -6.75
C PHE A 35 0.51 7.91 -6.51
CA LEU A 1 -2.29 -5.69 -8.73
C LEU A 1 -0.96 -5.63 -7.97
N SER A 2 0.11 -6.03 -8.60
CA SER A 2 1.43 -5.99 -7.93
C SER A 2 1.30 -6.60 -6.53
N ASP A 3 0.43 -7.56 -6.37
CA ASP A 3 0.27 -8.19 -5.03
C ASP A 3 1.62 -8.73 -4.57
N GLU A 4 2.45 -9.15 -5.49
CA GLU A 4 3.78 -9.68 -5.12
C GLU A 4 4.71 -8.51 -4.78
N ASP A 5 4.86 -7.59 -5.71
CA ASP A 5 5.73 -6.41 -5.45
C ASP A 5 5.11 -5.57 -4.33
N PHE A 6 3.81 -5.44 -4.32
CA PHE A 6 3.14 -4.65 -3.26
C PHE A 6 3.49 -5.23 -1.88
N ARG A 7 3.15 -6.47 -1.65
CA ARG A 7 3.45 -7.08 -0.32
C ARG A 7 4.92 -6.85 0.05
N ALA A 8 5.79 -6.88 -0.90
CA ALA A 8 7.24 -6.65 -0.60
C ALA A 8 7.47 -5.22 -0.13
N VAL A 9 6.67 -4.29 -0.57
CA VAL A 9 6.87 -2.87 -0.17
C VAL A 9 6.45 -2.65 1.29
N PF5 A 10 5.31 -3.14 1.70
CA PF5 A 10 4.87 -2.92 3.10
CB PF5 A 10 3.42 -2.45 3.10
CG PF5 A 10 3.31 -1.34 2.10
CD1 PF5 A 10 3.00 -1.62 0.76
FD1 PF5 A 10 2.76 -2.90 0.39
CD2 PF5 A 10 3.55 -0.02 2.50
FD2 PF5 A 10 3.86 0.26 3.78
CE1 PF5 A 10 2.95 -0.60 -0.18
FE1 PF5 A 10 2.67 -0.87 -1.47
CE2 PF5 A 10 3.48 1.02 1.55
FE2 PF5 A 10 3.69 2.30 1.94
CZ PF5 A 10 3.19 0.73 0.22
FZ PF5 A 10 3.14 1.73 -0.70
C PF5 A 10 5.02 -4.21 3.91
O PF5 A 10 5.04 -4.19 5.12
H PF5 A 10 4.73 -3.61 1.06
HA PF5 A 10 5.49 -2.16 3.56
HB2 PF5 A 10 3.15 -2.08 4.08
HB3 PF5 A 10 2.77 -3.27 2.83
N GLY A 11 5.14 -5.32 3.26
CA GLY A 11 5.28 -6.60 4.00
C GLY A 11 3.89 -7.15 4.37
N MET A 12 2.86 -6.68 3.71
CA MET A 12 1.49 -7.18 4.04
C MET A 12 0.64 -7.16 2.77
N THR A 13 -0.41 -7.93 2.74
CA THR A 13 -1.29 -7.95 1.54
C THR A 13 -2.10 -6.66 1.46
N ARG A 14 -2.52 -6.28 0.28
CA ARG A 14 -3.32 -5.03 0.14
C ARG A 14 -4.54 -5.10 1.07
N SER A 15 -5.02 -6.28 1.35
CA SER A 15 -6.22 -6.40 2.24
C SER A 15 -5.88 -5.81 3.61
N ALA A 16 -4.72 -6.12 4.13
CA ALA A 16 -4.33 -5.58 5.46
C ALA A 16 -3.96 -4.11 5.30
N PHE A 17 -3.22 -3.78 4.27
CA PHE A 17 -2.81 -2.36 4.07
C PHE A 17 -4.06 -1.50 3.94
N ALA A 18 -5.09 -2.01 3.32
CA ALA A 18 -6.35 -1.22 3.18
C ALA A 18 -6.85 -0.83 4.56
N ASN A 19 -6.36 -1.46 5.58
CA ASN A 19 -6.81 -1.14 6.97
C ASN A 19 -6.50 0.33 7.29
N LEU A 20 -5.44 0.86 6.75
CA LEU A 20 -5.06 2.28 7.03
C LEU A 20 -6.08 3.23 6.37
N PRO A 21 -6.27 4.39 6.94
CA PRO A 21 -7.22 5.40 6.38
C PRO A 21 -7.11 5.53 4.85
N LEU A 22 -8.23 5.58 4.19
CA LEU A 22 -8.22 5.67 2.70
C LEU A 22 -7.33 6.81 2.22
N TRP A 23 -7.42 7.96 2.85
CA TRP A 23 -6.58 9.11 2.41
C TRP A 23 -5.11 8.88 2.77
N ARG A 24 -4.85 8.33 3.92
CA ARG A 24 -3.43 8.10 4.33
C ARG A 24 -2.74 7.14 3.35
N GLN A 25 -3.40 6.09 2.94
CA GLN A 25 -2.74 5.13 2.00
C GLN A 25 -2.16 5.89 0.81
N GLN A 26 -2.88 6.85 0.29
CA GLN A 26 -2.32 7.64 -0.86
C GLN A 26 -1.07 8.37 -0.39
N ASN A 27 -1.09 8.87 0.81
CA ASN A 27 0.11 9.58 1.35
C ASN A 27 1.30 8.62 1.41
N LEU A 28 1.12 7.47 2.01
CA LEU A 28 2.24 6.48 2.10
C LEU A 28 2.51 5.87 0.72
N ARG A 29 1.49 5.72 -0.09
CA ARG A 29 1.70 5.12 -1.43
C ARG A 29 2.30 6.14 -2.40
N ARG A 30 1.82 7.36 -2.38
CA ARG A 30 2.39 8.37 -3.32
C ARG A 30 3.85 8.64 -2.95
N GLU A 31 4.15 8.69 -1.67
CA GLU A 31 5.55 8.94 -1.25
C GLU A 31 6.44 7.83 -1.81
N ARG A 32 5.87 6.71 -2.16
CA ARG A 32 6.68 5.58 -2.71
C ARG A 32 6.37 5.36 -4.19
N GLY A 33 5.64 6.24 -4.80
CA GLY A 33 5.33 6.06 -6.26
C GLY A 33 4.28 4.96 -6.44
N LEU A 34 3.22 5.00 -5.68
CA LEU A 34 2.18 3.95 -5.82
C LEU A 34 0.79 4.56 -5.58
N PHE A 35 0.73 5.87 -5.50
CA PHE A 35 -0.59 6.52 -5.27
C PHE A 35 -1.40 5.73 -4.24
CA LEU A 1 -2.22 -5.56 -8.80
C LEU A 1 -0.91 -5.59 -8.02
N SER A 2 0.14 -6.07 -8.64
CA SER A 2 1.45 -6.13 -7.92
C SER A 2 1.25 -6.73 -6.54
N ASP A 3 0.36 -7.66 -6.40
CA ASP A 3 0.12 -8.29 -5.07
C ASP A 3 1.45 -8.85 -4.55
N GLU A 4 2.29 -9.31 -5.43
CA GLU A 4 3.60 -9.85 -4.99
C GLU A 4 4.54 -8.70 -4.67
N ASP A 5 4.76 -7.83 -5.63
CA ASP A 5 5.66 -6.66 -5.38
C ASP A 5 5.05 -5.79 -4.28
N PHE A 6 3.76 -5.62 -4.30
CA PHE A 6 3.10 -4.78 -3.25
C PHE A 6 3.43 -5.33 -1.86
N ARG A 7 3.08 -6.57 -1.61
CA ARG A 7 3.35 -7.16 -0.27
C ARG A 7 4.81 -6.93 0.12
N ALA A 8 5.70 -6.92 -0.83
CA ALA A 8 7.15 -6.70 -0.52
C ALA A 8 7.38 -5.23 -0.14
N VAL A 9 6.60 -4.33 -0.66
CA VAL A 9 6.81 -2.89 -0.35
C VAL A 9 6.35 -2.56 1.08
N PF5 A 10 5.16 -2.94 1.45
CA PF5 A 10 4.67 -2.61 2.81
CB PF5 A 10 3.22 -2.16 2.72
CG PF5 A 10 3.15 -1.08 1.68
CD1 PF5 A 10 2.90 -1.41 0.33
FD1 PF5 A 10 2.67 -2.69 0.00
CD2 PF5 A 10 3.40 0.26 2.03
FD2 PF5 A 10 3.63 0.57 3.32
CE1 PF5 A 10 2.93 -0.41 -0.65
FE1 PF5 A 10 2.71 -0.74 -1.94
CE2 PF5 A 10 3.37 1.25 1.05
FE2 PF5 A 10 3.58 2.54 1.40
CZ PF5 A 10 3.17 0.91 -0.29
FZ PF5 A 10 3.18 1.87 -1.23
C PF5 A 10 4.80 -3.82 3.74
O PF5 A 10 4.64 -3.71 4.94
H PF5 A 10 4.58 -3.42 0.82
HA PF5 A 10 5.27 -1.80 3.22
HB2 PF5 A 10 2.89 -1.76 3.67
HB3 PF5 A 10 2.59 -2.99 2.43
N GLY A 11 5.10 -4.96 3.20
CA GLY A 11 5.25 -6.17 4.06
C GLY A 11 3.87 -6.70 4.45
N MET A 12 2.86 -6.36 3.70
CA MET A 12 1.49 -6.86 4.02
C MET A 12 0.64 -6.88 2.75
N THR A 13 -0.36 -7.72 2.71
CA THR A 13 -1.22 -7.80 1.50
C THR A 13 -2.05 -6.52 1.38
N ARG A 14 -2.46 -6.17 0.19
CA ARG A 14 -3.28 -4.94 0.01
C ARG A 14 -4.51 -5.01 0.92
N SER A 15 -4.97 -6.19 1.22
CA SER A 15 -6.17 -6.32 2.10
C SER A 15 -5.86 -5.72 3.46
N ALA A 16 -4.74 -6.08 4.03
CA ALA A 16 -4.36 -5.54 5.36
C ALA A 16 -3.97 -4.07 5.22
N PHE A 17 -3.23 -3.74 4.20
CA PHE A 17 -2.83 -2.32 3.99
C PHE A 17 -4.08 -1.46 3.84
N ALA A 18 -5.08 -1.96 3.16
CA ALA A 18 -6.33 -1.17 2.99
C ALA A 18 -6.91 -0.85 4.38
N ASN A 19 -6.48 -1.54 5.38
CA ASN A 19 -7.00 -1.28 6.76
C ASN A 19 -6.63 0.14 7.21
N LEU A 20 -5.48 0.61 6.83
CA LEU A 20 -5.07 1.99 7.24
C LEU A 20 -6.04 3.03 6.67
N PRO A 21 -6.18 4.15 7.32
CA PRO A 21 -7.09 5.24 6.85
C PRO A 21 -6.98 5.49 5.35
N LEU A 22 -8.10 5.63 4.69
CA LEU A 22 -8.08 5.85 3.21
C LEU A 22 -7.17 7.02 2.84
N TRP A 23 -7.28 8.13 3.51
CA TRP A 23 -6.42 9.30 3.18
C TRP A 23 -4.95 8.96 3.46
N ARG A 24 -4.67 8.22 4.48
CA ARG A 24 -3.25 7.88 4.81
C ARG A 24 -2.66 6.95 3.74
N GLN A 25 -3.39 5.94 3.34
CA GLN A 25 -2.85 5.01 2.29
C GLN A 25 -2.36 5.82 1.09
N GLN A 26 -3.13 6.76 0.63
CA GLN A 26 -2.68 7.59 -0.52
C GLN A 26 -1.45 8.40 -0.09
N ASN A 27 -1.42 8.79 1.16
CA ASN A 27 -0.26 9.57 1.67
C ASN A 27 1.00 8.70 1.63
N LEU A 28 0.93 7.52 2.19
CA LEU A 28 2.12 6.62 2.19
C LEU A 28 2.39 6.09 0.78
N ARG A 29 1.35 5.92 -0.01
CA ARG A 29 1.56 5.39 -1.38
C ARG A 29 2.13 6.48 -2.31
N ARG A 30 1.62 7.68 -2.22
CA ARG A 30 2.16 8.75 -3.10
C ARG A 30 3.63 8.99 -2.77
N GLU A 31 3.96 9.05 -1.50
CA GLU A 31 5.39 9.26 -1.11
C GLU A 31 6.21 8.05 -1.56
N ARG A 32 5.55 6.97 -1.90
CA ARG A 32 6.28 5.75 -2.33
C ARG A 32 6.50 5.76 -3.84
N GLY A 33 5.70 6.48 -4.57
CA GLY A 33 5.87 6.52 -6.05
C GLY A 33 4.99 5.46 -6.71
N LEU A 34 4.20 4.76 -5.94
CA LEU A 34 3.32 3.72 -6.52
C LEU A 34 1.88 4.24 -6.58
N PHE A 35 1.05 3.64 -7.41
CA PHE A 35 -0.36 4.10 -7.49
C PHE A 35 -0.40 5.61 -7.77
CA LEU A 1 -2.30 -5.50 -8.89
C LEU A 1 -0.98 -5.46 -8.11
N SER A 2 0.10 -5.82 -8.76
CA SER A 2 1.41 -5.80 -8.06
C SER A 2 1.28 -6.45 -6.68
N ASP A 3 0.44 -7.45 -6.56
CA ASP A 3 0.27 -8.12 -5.26
C ASP A 3 1.63 -8.62 -4.76
N GLU A 4 2.49 -8.99 -5.67
CA GLU A 4 3.84 -9.47 -5.27
C GLU A 4 4.72 -8.26 -4.95
N ASP A 5 4.86 -7.36 -5.87
CA ASP A 5 5.70 -6.15 -5.63
C ASP A 5 5.07 -5.33 -4.49
N PHE A 6 3.76 -5.25 -4.47
CA PHE A 6 3.09 -4.47 -3.40
C PHE A 6 3.44 -5.05 -2.02
N ARG A 7 3.13 -6.30 -1.81
CA ARG A 7 3.43 -6.93 -0.49
C ARG A 7 4.89 -6.68 -0.11
N ALA A 8 5.77 -6.69 -1.06
CA ALA A 8 7.21 -6.45 -0.75
C ALA A 8 7.42 -5.01 -0.28
N VAL A 9 6.61 -4.10 -0.72
CA VAL A 9 6.79 -2.68 -0.32
C VAL A 9 6.37 -2.45 1.14
N PF5 A 10 5.21 -2.91 1.53
CA PF5 A 10 4.77 -2.69 2.94
CB PF5 A 10 3.33 -2.18 2.91
CG PF5 A 10 3.25 -1.07 1.89
CD1 PF5 A 10 2.93 -1.38 0.56
FD1 PF5 A 10 2.65 -2.65 0.21
CD2 PF5 A 10 3.54 0.25 2.26
FD2 PF5 A 10 3.87 0.53 3.54
CE1 PF5 A 10 2.91 -0.37 -0.40
FE1 PF5 A 10 2.62 -0.66 -1.68
CE2 PF5 A 10 3.51 1.27 1.30
FE2 PF5 A 10 3.76 2.53 1.67
CZ PF5 A 10 3.20 0.96 -0.03
FZ PF5 A 10 3.20 1.94 -0.96
C PF5 A 10 4.86 -3.97 3.75
O PF5 A 10 4.74 -3.97 4.96
H PF5 A 10 4.62 -3.37 0.90
HA PF5 A 10 5.40 -1.94 3.40
HB2 PF5 A 10 3.05 -1.78 3.89
HB3 PF5 A 10 2.66 -2.98 2.65
N GLY A 11 5.10 -5.08 3.09
CA GLY A 11 5.22 -6.36 3.84
C GLY A 11 3.82 -6.89 4.21
N MET A 12 2.82 -6.45 3.51
CA MET A 12 1.44 -6.92 3.82
C MET A 12 0.58 -6.89 2.55
N THR A 13 -0.47 -7.65 2.52
CA THR A 13 -1.34 -7.66 1.30
C THR A 13 -2.16 -6.38 1.25
N ARG A 14 -2.60 -6.00 0.08
CA ARG A 14 -3.42 -4.75 -0.04
C ARG A 14 -4.62 -4.84 0.91
N SER A 15 -5.09 -6.03 1.19
CA SER A 15 -6.27 -6.17 2.09
C SER A 15 -5.91 -5.60 3.45
N ALA A 16 -4.80 -6.00 4.00
CA ALA A 16 -4.39 -5.49 5.34
C ALA A 16 -3.98 -4.02 5.21
N PHE A 17 -3.24 -3.69 4.18
CA PHE A 17 -2.81 -2.28 3.99
C PHE A 17 -4.05 -1.38 3.90
N ALA A 18 -5.09 -1.85 3.27
CA ALA A 18 -6.32 -1.03 3.14
C ALA A 18 -6.82 -0.67 4.55
N ASN A 19 -6.35 -1.37 5.55
CA ASN A 19 -6.79 -1.07 6.95
C ASN A 19 -6.46 0.38 7.30
N LEU A 20 -5.35 0.88 6.84
CA LEU A 20 -4.96 2.30 7.17
C LEU A 20 -6.01 3.26 6.61
N PRO A 21 -6.17 4.41 7.24
CA PRO A 21 -7.16 5.43 6.80
C PRO A 21 -7.18 5.60 5.27
N LEU A 22 -8.33 5.84 4.72
CA LEU A 22 -8.46 5.98 3.23
C LEU A 22 -7.56 7.11 2.72
N TRP A 23 -7.45 8.19 3.45
CA TRP A 23 -6.61 9.33 2.99
C TRP A 23 -5.13 9.06 3.27
N ARG A 24 -4.84 8.33 4.32
CA ARG A 24 -3.40 8.06 4.66
C ARG A 24 -2.79 7.10 3.64
N GLN A 25 -3.45 6.02 3.34
CA GLN A 25 -2.87 5.05 2.37
C GLN A 25 -2.37 5.79 1.12
N GLN A 26 -3.11 6.77 0.66
CA GLN A 26 -2.64 7.54 -0.53
C GLN A 26 -1.39 8.32 -0.13
N ASN A 27 -1.36 8.84 1.07
CA ASN A 27 -0.17 9.61 1.53
C ASN A 27 1.06 8.70 1.53
N LEU A 28 0.96 7.56 2.14
CA LEU A 28 2.13 6.63 2.18
C LEU A 28 2.41 6.05 0.78
N ARG A 29 1.39 5.88 -0.02
CA ARG A 29 1.60 5.31 -1.38
C ARG A 29 2.23 6.36 -2.31
N ARG A 30 1.72 7.56 -2.32
CA ARG A 30 2.33 8.59 -3.22
C ARG A 30 3.75 8.90 -2.74
N GLU A 31 3.97 8.84 -1.45
CA GLU A 31 5.34 9.11 -0.92
C GLU A 31 6.32 8.12 -1.56
N ARG A 32 5.83 6.99 -1.98
CA ARG A 32 6.74 5.97 -2.60
C ARG A 32 6.49 5.87 -4.10
N GLY A 33 5.45 6.48 -4.59
CA GLY A 33 5.17 6.40 -6.06
C GLY A 33 4.59 5.03 -6.41
N LEU A 34 4.25 4.24 -5.43
CA LEU A 34 3.66 2.91 -5.72
C LEU A 34 2.21 2.87 -5.27
N PHE A 35 1.36 2.24 -6.05
CA PHE A 35 -0.09 2.19 -5.67
C PHE A 35 -0.82 1.23 -6.61
CA LEU A 1 -2.20 -5.34 -9.42
C LEU A 1 -0.84 -6.03 -9.25
N SER A 2 -0.21 -5.84 -8.13
CA SER A 2 1.12 -6.49 -7.91
C SER A 2 1.22 -6.95 -6.46
N ASP A 3 0.45 -7.94 -6.09
CA ASP A 3 0.52 -8.44 -4.68
C ASP A 3 1.95 -8.90 -4.38
N GLU A 4 2.64 -9.40 -5.38
CA GLU A 4 4.04 -9.84 -5.16
C GLU A 4 4.91 -8.62 -4.86
N ASP A 5 4.82 -7.61 -5.68
CA ASP A 5 5.63 -6.38 -5.44
C ASP A 5 5.02 -5.59 -4.28
N PHE A 6 3.73 -5.35 -4.34
CA PHE A 6 3.07 -4.58 -3.25
C PHE A 6 3.39 -5.22 -1.90
N ARG A 7 3.04 -6.47 -1.72
CA ARG A 7 3.30 -7.15 -0.41
C ARG A 7 4.76 -6.94 0.00
N ALA A 8 5.67 -6.95 -0.95
CA ALA A 8 7.10 -6.75 -0.62
C ALA A 8 7.36 -5.31 -0.16
N VAL A 9 6.59 -4.38 -0.64
CA VAL A 9 6.80 -2.96 -0.25
C VAL A 9 6.40 -2.70 1.21
N PF5 A 10 5.21 -3.10 1.59
CA PF5 A 10 4.77 -2.84 3.00
CB PF5 A 10 3.32 -2.35 2.97
CG PF5 A 10 3.24 -1.22 1.99
CD1 PF5 A 10 2.94 -1.48 0.64
FD1 PF5 A 10 2.64 -2.73 0.25
CD2 PF5 A 10 3.54 0.09 2.40
FD2 PF5 A 10 3.84 0.33 3.69
CE1 PF5 A 10 2.96 -0.44 -0.29
FE1 PF5 A 10 2.68 -0.69 -1.58
CE2 PF5 A 10 3.52 1.12 1.47
FE2 PF5 A 10 3.78 2.39 1.88
CZ PF5 A 10 3.25 0.87 0.13
FZ PF5 A 10 3.26 1.87 -0.77
C PF5 A 10 4.90 -4.12 3.83
O PF5 A 10 4.82 -4.08 5.05
H PF5 A 10 4.60 -3.53 0.95
HA PF5 A 10 5.40 -2.08 3.43
HB2 PF5 A 10 3.04 -2.00 3.96
HB3 PF5 A 10 2.67 -3.16 2.66
N GLY A 11 5.09 -5.25 3.21
CA GLY A 11 5.23 -6.50 3.98
C GLY A 11 3.85 -7.02 4.39
N MET A 12 2.83 -6.67 3.65
CA MET A 12 1.46 -7.14 4.00
C MET A 12 0.57 -7.11 2.75
N THR A 13 -0.47 -7.88 2.74
CA THR A 13 -1.38 -7.89 1.55
C THR A 13 -2.19 -6.59 1.50
N ARG A 14 -2.61 -6.19 0.34
CA ARG A 14 -3.41 -4.93 0.23
C ARG A 14 -4.61 -5.01 1.19
N SER A 15 -5.09 -6.19 1.46
CA SER A 15 -6.26 -6.31 2.38
C SER A 15 -5.89 -5.74 3.74
N ALA A 16 -4.75 -6.10 4.26
CA ALA A 16 -4.32 -5.57 5.58
C ALA A 16 -3.93 -4.10 5.42
N PHE A 17 -3.22 -3.77 4.38
CA PHE A 17 -2.81 -2.35 4.18
C PHE A 17 -4.05 -1.48 4.07
N ALA A 18 -5.10 -1.99 3.48
CA ALA A 18 -6.35 -1.20 3.35
C ALA A 18 -6.85 -0.80 4.74
N ASN A 19 -6.36 -1.48 5.76
CA ASN A 19 -6.81 -1.15 7.14
C ASN A 19 -6.48 0.31 7.48
N LEU A 20 -5.39 0.82 6.98
CA LEU A 20 -5.02 2.24 7.27
C LEU A 20 -6.07 3.19 6.68
N PRO A 21 -6.26 4.34 7.27
CA PRO A 21 -7.24 5.34 6.78
C PRO A 21 -7.22 5.48 5.26
N LEU A 22 -8.38 5.63 4.66
CA LEU A 22 -8.46 5.74 3.18
C LEU A 22 -7.58 6.87 2.65
N TRP A 23 -7.52 7.97 3.36
CA TRP A 23 -6.69 9.11 2.88
C TRP A 23 -5.20 8.87 3.17
N ARG A 24 -4.89 8.16 4.22
CA ARG A 24 -3.46 7.91 4.57
C ARG A 24 -2.81 6.98 3.55
N GLN A 25 -3.46 5.90 3.21
CA GLN A 25 -2.86 4.94 2.23
C GLN A 25 -2.35 5.71 1.01
N GLN A 26 -3.09 6.68 0.54
CA GLN A 26 -2.60 7.46 -0.63
C GLN A 26 -1.37 8.25 -0.21
N ASN A 27 -1.36 8.74 0.99
CA ASN A 27 -0.20 9.52 1.49
C ASN A 27 1.04 8.61 1.50
N LEU A 28 0.94 7.46 2.11
CA LEU A 28 2.11 6.52 2.15
C LEU A 28 2.37 5.95 0.76
N ARG A 29 1.36 5.77 -0.03
CA ARG A 29 1.57 5.18 -1.40
C ARG A 29 2.09 6.25 -2.36
N ARG A 30 1.53 7.43 -2.35
CA ARG A 30 2.02 8.48 -3.28
C ARG A 30 3.50 8.78 -2.96
N GLU A 31 3.84 8.85 -1.70
CA GLU A 31 5.25 9.10 -1.34
C GLU A 31 6.11 7.92 -1.79
N ARG A 32 5.49 6.82 -2.13
CA ARG A 32 6.26 5.62 -2.56
C ARG A 32 6.46 5.63 -4.08
N GLY A 33 5.70 6.41 -4.80
CA GLY A 33 5.86 6.45 -6.28
C GLY A 33 4.92 5.42 -6.93
N LEU A 34 4.21 4.67 -6.14
CA LEU A 34 3.29 3.66 -6.72
C LEU A 34 1.94 4.32 -7.04
N PHE A 35 1.73 5.51 -6.59
CA PHE A 35 0.44 6.20 -6.86
C PHE A 35 0.64 7.72 -6.76
CA LEU A 1 -2.50 -4.44 -8.19
C LEU A 1 -1.26 -5.32 -8.05
N SER A 2 -0.10 -4.73 -8.06
CA SER A 2 1.15 -5.53 -7.93
C SER A 2 1.18 -6.21 -6.57
N ASP A 3 0.36 -7.21 -6.38
CA ASP A 3 0.36 -7.92 -5.06
C ASP A 3 1.76 -8.49 -4.81
N GLU A 4 2.45 -8.87 -5.84
CA GLU A 4 3.82 -9.43 -5.66
C GLU A 4 4.75 -8.31 -5.20
N ASP A 5 4.80 -7.24 -5.94
CA ASP A 5 5.69 -6.11 -5.55
C ASP A 5 5.10 -5.40 -4.33
N PHE A 6 3.82 -5.16 -4.33
CA PHE A 6 3.18 -4.47 -3.18
C PHE A 6 3.54 -5.19 -1.88
N ARG A 7 3.20 -6.45 -1.76
CA ARG A 7 3.50 -7.20 -0.52
C ARG A 7 4.97 -7.01 -0.14
N ALA A 8 5.83 -6.91 -1.11
CA ALA A 8 7.28 -6.72 -0.81
C ALA A 8 7.53 -5.31 -0.26
N VAL A 9 6.75 -4.36 -0.65
CA VAL A 9 6.97 -2.96 -0.17
C VAL A 9 6.53 -2.81 1.30
N PF5 A 10 5.35 -3.26 1.64
CA PF5 A 10 4.89 -3.11 3.05
CB PF5 A 10 3.41 -2.73 3.04
CG PF5 A 10 3.26 -1.50 2.18
CD1 PF5 A 10 3.03 -1.63 0.81
FD1 PF5 A 10 2.82 -2.85 0.27
CD2 PF5 A 10 3.47 -0.24 2.74
FD2 PF5 A 10 3.68 -0.11 4.07
CE1 PF5 A 10 3.01 -0.49 0.00
FE1 PF5 A 10 2.80 -0.62 -1.33
CE2 PF5 A 10 3.41 0.91 1.93
FE2 PF5 A 10 3.56 2.12 2.49
CZ PF5 A 10 3.20 0.78 0.56
FZ PF5 A 10 3.18 1.88 -0.23
C PF5 A 10 5.10 -4.41 3.83
O PF5 A 10 5.32 -4.39 5.02
H PF5 A 10 4.77 -3.68 0.97
HA PF5 A 10 5.46 -2.31 3.52
HB2 PF5 A 10 3.07 -2.51 4.04
HB3 PF5 A 10 2.83 -3.54 2.62
N GLY A 11 5.06 -5.53 3.17
CA GLY A 11 5.27 -6.82 3.88
C GLY A 11 3.92 -7.45 4.20
N MET A 12 2.86 -6.90 3.69
CA MET A 12 1.51 -7.49 3.96
C MET A 12 0.63 -7.34 2.72
N THR A 13 -0.51 -7.98 2.71
CA THR A 13 -1.41 -7.89 1.53
C THR A 13 -2.24 -6.62 1.62
N ARG A 14 -2.77 -6.16 0.51
CA ARG A 14 -3.61 -4.93 0.54
C ARG A 14 -4.73 -5.09 1.57
N SER A 15 -5.14 -6.30 1.84
CA SER A 15 -6.23 -6.51 2.83
C SER A 15 -5.84 -5.85 4.15
N ALA A 16 -4.65 -6.10 4.61
CA ALA A 16 -4.21 -5.48 5.90
C ALA A 16 -3.88 -4.02 5.66
N PHE A 17 -3.09 -3.73 4.65
CA PHE A 17 -2.73 -2.31 4.37
C PHE A 17 -4.01 -1.49 4.18
N ALA A 18 -5.01 -2.08 3.58
CA ALA A 18 -6.28 -1.33 3.36
C ALA A 18 -6.84 -0.88 4.71
N ASN A 19 -6.37 -1.46 5.78
CA ASN A 19 -6.87 -1.07 7.13
C ASN A 19 -6.59 0.42 7.39
N LEU A 20 -5.50 0.94 6.88
CA LEU A 20 -5.18 2.38 7.10
C LEU A 20 -6.23 3.27 6.41
N PRO A 21 -6.45 4.45 6.92
CA PRO A 21 -7.44 5.40 6.32
C PRO A 21 -7.35 5.44 4.78
N LEU A 22 -8.46 5.60 4.13
CA LEU A 22 -8.48 5.62 2.64
C LEU A 22 -7.61 6.76 2.10
N TRP A 23 -7.59 7.88 2.76
CA TRP A 23 -6.77 9.02 2.27
C TRP A 23 -5.29 8.83 2.63
N ARG A 24 -5.02 8.20 3.74
CA ARG A 24 -3.60 8.00 4.16
C ARG A 24 -2.87 7.05 3.20
N GLN A 25 -3.49 5.95 2.85
CA GLN A 25 -2.80 4.98 1.93
C GLN A 25 -2.24 5.73 0.72
N GLN A 26 -3.00 6.65 0.16
CA GLN A 26 -2.47 7.41 -1.00
C GLN A 26 -1.26 8.23 -0.55
N ASN A 27 -1.31 8.72 0.66
CA ASN A 27 -0.17 9.51 1.18
C ASN A 27 1.07 8.63 1.29
N LEU A 28 0.95 7.50 1.92
CA LEU A 28 2.12 6.57 2.05
C LEU A 28 2.45 5.94 0.71
N ARG A 29 1.46 5.70 -0.11
CA ARG A 29 1.72 5.06 -1.44
C ARG A 29 2.33 6.08 -2.41
N ARG A 30 1.83 7.29 -2.43
CA ARG A 30 2.41 8.30 -3.36
C ARG A 30 3.84 8.63 -2.91
N GLU A 31 4.08 8.63 -1.63
CA GLU A 31 5.45 8.94 -1.13
C GLU A 31 6.44 7.94 -1.76
N ARG A 32 5.96 6.79 -2.15
CA ARG A 32 6.86 5.77 -2.74
C ARG A 32 6.64 5.67 -4.26
N GLY A 33 5.77 6.49 -4.81
CA GLY A 33 5.54 6.43 -6.28
C GLY A 33 4.56 5.31 -6.61
N LEU A 34 4.06 4.62 -5.62
CA LEU A 34 3.10 3.51 -5.90
C LEU A 34 1.68 4.06 -5.91
N PHE A 35 1.42 5.10 -5.17
CA PHE A 35 0.05 5.68 -5.15
C PHE A 35 -0.98 4.56 -5.14
CA LEU A 1 -1.81 -5.41 -9.65
C LEU A 1 -0.52 -6.17 -9.39
N SER A 2 0.00 -6.11 -8.20
CA SER A 2 1.27 -6.82 -7.90
C SER A 2 1.26 -7.28 -6.43
N ASP A 3 0.49 -8.28 -6.12
CA ASP A 3 0.46 -8.77 -4.72
C ASP A 3 1.86 -9.22 -4.31
N GLU A 4 2.62 -9.74 -5.24
CA GLU A 4 4.01 -10.18 -4.92
C GLU A 4 4.87 -8.95 -4.65
N ASP A 5 4.84 -7.98 -5.54
CA ASP A 5 5.65 -6.76 -5.35
C ASP A 5 5.00 -5.89 -4.26
N PHE A 6 3.72 -5.69 -4.36
CA PHE A 6 3.01 -4.86 -3.33
C PHE A 6 3.36 -5.36 -1.92
N ARG A 7 3.09 -6.60 -1.64
CA ARG A 7 3.37 -7.15 -0.29
C ARG A 7 4.82 -6.84 0.09
N ALA A 8 5.73 -6.91 -0.84
CA ALA A 8 7.16 -6.64 -0.53
C ALA A 8 7.34 -5.15 -0.20
N VAL A 9 6.51 -4.30 -0.73
CA VAL A 9 6.67 -2.84 -0.46
C VAL A 9 6.26 -2.49 0.97
N PF5 A 10 5.08 -2.86 1.39
CA PF5 A 10 4.65 -2.51 2.78
CB PF5 A 10 3.20 -2.01 2.72
CG PF5 A 10 3.13 -1.01 1.59
CD1 PF5 A 10 2.79 -1.43 0.31
FD1 PF5 A 10 2.49 -2.73 0.07
CD2 PF5 A 10 3.43 0.33 1.83
FD2 PF5 A 10 3.77 0.74 3.07
CE1 PF5 A 10 2.77 -0.50 -0.75
FE1 PF5 A 10 2.45 -0.92 -1.99
CE2 PF5 A 10 3.39 1.26 0.78
FE2 PF5 A 10 3.64 2.56 1.02
CZ PF5 A 10 3.06 0.83 -0.51
FZ PF5 A 10 3.05 1.73 -1.53
C PF5 A 10 4.74 -3.73 3.70
O PF5 A 10 4.54 -3.63 4.88
H PF5 A 10 4.48 -3.36 0.79
HA PF5 A 10 5.28 -1.73 3.15
HB2 PF5 A 10 2.94 -1.52 3.64
HB3 PF5 A 10 2.53 -2.84 2.52
N GLY A 11 5.07 -4.87 3.16
CA GLY A 11 5.18 -6.09 4.01
C GLY A 11 3.78 -6.56 4.43
N MET A 12 2.76 -6.13 3.72
CA MET A 12 1.38 -6.55 4.09
C MET A 12 0.56 -6.73 2.81
N THR A 13 -0.49 -7.50 2.88
CA THR A 13 -1.34 -7.72 1.67
C THR A 13 -2.24 -6.50 1.45
N ARG A 14 -2.61 -6.24 0.22
CA ARG A 14 -3.49 -5.07 -0.06
C ARG A 14 -4.74 -5.14 0.83
N SER A 15 -5.16 -6.32 1.20
CA SER A 15 -6.36 -6.45 2.07
C SER A 15 -6.04 -5.87 3.44
N ALA A 16 -4.91 -6.21 3.99
CA ALA A 16 -4.53 -5.68 5.32
C ALA A 16 -4.11 -4.22 5.18
N PHE A 17 -3.48 -3.88 4.09
CA PHE A 17 -3.05 -2.47 3.89
C PHE A 17 -4.27 -1.55 3.93
N ALA A 18 -5.39 -2.03 3.43
CA ALA A 18 -6.62 -1.19 3.45
C ALA A 18 -7.00 -0.87 4.90
N ASN A 19 -6.34 -1.50 5.83
CA ASN A 19 -6.66 -1.24 7.27
C ASN A 19 -6.29 0.20 7.65
N LEU A 20 -5.27 0.75 7.04
CA LEU A 20 -4.87 2.16 7.36
C LEU A 20 -5.90 3.14 6.80
N PRO A 21 -6.02 4.30 7.39
CA PRO A 21 -7.00 5.34 6.94
C PRO A 21 -6.99 5.50 5.41
N LEU A 22 -8.16 5.53 4.82
CA LEU A 22 -8.25 5.65 3.34
C LEU A 22 -7.40 6.81 2.83
N TRP A 23 -7.46 7.95 3.47
CA TRP A 23 -6.66 9.12 3.00
C TRP A 23 -5.17 8.88 3.26
N ARG A 24 -4.82 8.33 4.38
CA ARG A 24 -3.38 8.10 4.69
C ARG A 24 -2.76 7.13 3.68
N GLN A 25 -3.46 6.10 3.32
CA GLN A 25 -2.88 5.12 2.34
C GLN A 25 -2.32 5.87 1.12
N GLN A 26 -3.01 6.87 0.66
CA GLN A 26 -2.47 7.66 -0.49
C GLN A 26 -1.17 8.34 -0.05
N ASN A 27 -1.13 8.80 1.17
CA ASN A 27 0.11 9.44 1.68
C ASN A 27 1.27 8.44 1.65
N LEU A 28 1.05 7.26 2.16
CA LEU A 28 2.13 6.23 2.14
C LEU A 28 2.32 5.69 0.72
N ARG A 29 1.28 5.64 -0.06
CA ARG A 29 1.43 5.11 -1.45
C ARG A 29 1.95 6.20 -2.39
N ARG A 30 1.35 7.36 -2.38
CA ARG A 30 1.85 8.43 -3.29
C ARG A 30 3.31 8.74 -2.95
N GLU A 31 3.63 8.83 -1.67
CA GLU A 31 5.04 9.10 -1.27
C GLU A 31 5.92 7.96 -1.79
N ARG A 32 5.34 6.83 -2.07
CA ARG A 32 6.15 5.67 -2.55
C ARG A 32 6.42 5.80 -4.05
N GLY A 33 5.64 6.57 -4.76
CA GLY A 33 5.88 6.71 -6.23
C GLY A 33 5.02 5.71 -7.00
N LEU A 34 4.30 4.87 -6.31
CA LEU A 34 3.44 3.87 -7.01
C LEU A 34 2.05 4.47 -7.25
N PHE A 35 1.81 5.66 -6.75
CA PHE A 35 0.48 6.29 -6.95
C PHE A 35 0.61 7.80 -6.76
#